data_1UAW
#
_entry.id   1UAW
#
_cell.length_a   1.000
_cell.length_b   1.000
_cell.length_c   1.000
_cell.angle_alpha   90.00
_cell.angle_beta   90.00
_cell.angle_gamma   90.00
#
_symmetry.space_group_name_H-M   'P 1'
#
_entity_poly.entity_id   1
_entity_poly.type   'polypeptide(L)'
_entity_poly.pdbx_seq_one_letter_code
;CKMFIGGLSWQTTQEGLREYFGQFGEVKECLVMRDPLTKRSRGFGFVTFMDQAGVDKVLAQSRHELDSKTIDPKVAF
;
_entity_poly.pdbx_strand_id   A
#
# COMPACT_ATOMS: atom_id res chain seq x y z
N CYS A 1 0.86 -9.37 12.11
CA CYS A 1 -0.09 -9.41 10.97
C CYS A 1 -0.42 -7.98 10.52
N LYS A 2 -0.12 -7.65 9.29
CA LYS A 2 -0.42 -6.27 8.80
C LYS A 2 -0.81 -6.30 7.33
N MET A 3 -1.38 -5.23 6.83
CA MET A 3 -1.78 -5.21 5.40
C MET A 3 -0.53 -5.06 4.51
N PHE A 4 -0.68 -5.20 3.22
CA PHE A 4 0.50 -5.07 2.33
C PHE A 4 0.07 -4.56 0.95
N ILE A 5 0.72 -3.55 0.44
CA ILE A 5 0.34 -3.02 -0.90
C ILE A 5 1.31 -3.57 -1.95
N GLY A 6 0.81 -3.93 -3.11
CA GLY A 6 1.72 -4.50 -4.16
C GLY A 6 1.66 -3.67 -5.44
N GLY A 7 2.78 -3.14 -5.87
CA GLY A 7 2.79 -2.35 -7.13
C GLY A 7 3.07 -0.88 -6.82
N LEU A 8 3.97 -0.63 -5.91
CA LEU A 8 4.29 0.79 -5.56
C LEU A 8 4.57 1.61 -6.81
N SER A 9 3.82 2.65 -7.03
CA SER A 9 4.05 3.50 -8.23
C SER A 9 5.54 3.81 -8.39
N TRP A 10 5.92 4.44 -9.46
CA TRP A 10 7.36 4.77 -9.66
C TRP A 10 7.78 5.96 -8.79
N GLN A 11 6.90 6.44 -7.96
CA GLN A 11 7.25 7.59 -7.09
C GLN A 11 6.45 7.56 -5.78
N THR A 12 5.79 6.47 -5.49
CA THR A 12 5.01 6.40 -4.24
C THR A 12 5.93 6.60 -3.03
N THR A 13 5.38 6.90 -1.89
CA THR A 13 6.23 7.10 -0.68
C THR A 13 5.61 6.39 0.51
N GLN A 14 6.10 6.63 1.69
CA GLN A 14 5.53 5.95 2.88
C GLN A 14 4.38 6.77 3.44
N GLU A 15 4.67 7.86 4.09
CA GLU A 15 3.56 8.67 4.64
C GLU A 15 2.50 8.89 3.56
N GLY A 16 2.92 9.19 2.37
CA GLY A 16 1.91 9.38 1.29
C GLY A 16 1.08 8.11 1.21
N LEU A 17 1.65 6.99 1.58
CA LEU A 17 0.87 5.75 1.57
C LEU A 17 0.06 5.72 2.87
N ARG A 18 0.63 6.18 3.95
CA ARG A 18 -0.11 6.23 5.22
C ARG A 18 -1.31 7.13 5.04
N GLU A 19 -1.16 8.06 4.15
CA GLU A 19 -2.25 9.01 3.86
C GLU A 19 -3.14 8.42 2.76
N TYR A 20 -2.65 7.42 2.06
CA TYR A 20 -3.47 6.80 0.99
C TYR A 20 -4.47 5.81 1.59
N PHE A 21 -4.10 5.18 2.67
CA PHE A 21 -5.03 4.20 3.31
C PHE A 21 -5.51 4.78 4.65
N GLY A 22 -4.69 5.61 5.25
CA GLY A 22 -5.09 6.22 6.54
C GLY A 22 -6.36 7.06 6.32
N GLN A 23 -6.66 7.35 5.08
CA GLN A 23 -7.87 8.15 4.79
C GLN A 23 -9.10 7.44 5.32
N PHE A 24 -9.17 6.15 5.10
CA PHE A 24 -10.34 5.37 5.59
C PHE A 24 -9.87 4.20 6.47
N GLY A 25 -8.57 3.98 6.53
CA GLY A 25 -8.04 2.87 7.35
C GLY A 25 -6.91 3.38 8.25
N GLU A 26 -7.22 3.70 9.48
CA GLU A 26 -6.17 4.21 10.41
C GLU A 26 -4.87 3.42 10.23
N VAL A 27 -3.83 4.07 9.79
CA VAL A 27 -2.53 3.37 9.59
C VAL A 27 -1.63 3.53 10.82
N LYS A 28 -1.02 2.47 11.27
CA LYS A 28 -0.13 2.56 12.46
C LYS A 28 1.33 2.60 12.00
N GLU A 29 1.61 2.01 10.87
CA GLU A 29 3.01 1.99 10.36
C GLU A 29 3.06 1.32 8.99
N CYS A 30 4.06 1.62 8.19
CA CYS A 30 4.15 0.99 6.84
C CYS A 30 5.61 0.85 6.43
N LEU A 31 5.89 0.05 5.43
CA LEU A 31 7.29 -0.11 4.97
C LEU A 31 7.38 -0.01 3.45
N VAL A 32 8.22 0.84 2.92
CA VAL A 32 8.31 0.97 1.44
C VAL A 32 9.70 0.57 0.96
N MET A 33 9.77 -0.33 0.01
CA MET A 33 11.09 -0.78 -0.49
C MET A 33 11.11 -0.69 -2.03
N ARG A 34 12.28 -0.58 -2.61
CA ARG A 34 12.38 -0.50 -4.09
C ARG A 34 13.74 -1.06 -4.54
N ASP A 35 14.06 -0.90 -5.79
CA ASP A 35 15.36 -1.42 -6.30
C ASP A 35 15.43 -2.95 -6.14
N PRO A 36 14.85 -3.65 -7.08
CA PRO A 36 14.85 -5.13 -7.06
C PRO A 36 16.28 -5.67 -7.19
N LEU A 37 16.77 -6.34 -6.18
CA LEU A 37 18.16 -6.86 -6.24
C LEU A 37 18.15 -8.27 -6.84
N THR A 38 17.06 -8.98 -6.72
CA THR A 38 16.99 -10.36 -7.29
C THR A 38 15.61 -10.61 -7.87
N LYS A 39 15.14 -11.84 -7.83
CA LYS A 39 13.81 -12.15 -8.38
C LYS A 39 12.72 -11.84 -7.35
N ARG A 40 13.05 -11.12 -6.31
CA ARG A 40 12.03 -10.80 -5.28
C ARG A 40 11.13 -9.67 -5.76
N SER A 41 10.44 -9.03 -4.86
CA SER A 41 9.52 -7.92 -5.27
C SER A 41 10.27 -6.89 -6.12
N ARG A 42 9.64 -5.80 -6.43
CA ARG A 42 10.30 -4.75 -7.27
C ARG A 42 9.76 -3.37 -6.91
N GLY A 43 9.31 -3.18 -5.70
CA GLY A 43 8.76 -1.86 -5.29
C GLY A 43 7.38 -2.06 -4.68
N PHE A 44 7.29 -2.08 -3.38
CA PHE A 44 5.97 -2.28 -2.72
C PHE A 44 5.86 -1.41 -1.46
N GLY A 45 4.80 -1.56 -0.72
CA GLY A 45 4.63 -0.75 0.51
C GLY A 45 3.75 -1.49 1.51
N PHE A 46 4.30 -1.89 2.62
CA PHE A 46 3.50 -2.61 3.65
C PHE A 46 2.77 -1.60 4.53
N VAL A 47 1.63 -1.95 5.04
CA VAL A 47 0.88 -0.99 5.91
C VAL A 47 0.06 -1.75 6.95
N THR A 48 0.44 -1.66 8.19
CA THR A 48 -0.32 -2.38 9.26
C THR A 48 -1.43 -1.49 9.83
N PHE A 49 -2.28 -0.98 8.98
CA PHE A 49 -3.38 -0.10 9.48
C PHE A 49 -4.50 -0.96 10.09
N MET A 50 -5.59 -0.35 10.47
CA MET A 50 -6.70 -1.14 11.07
C MET A 50 -7.92 -0.27 11.33
N ASP A 51 -9.02 -0.56 10.68
CA ASP A 51 -10.26 0.24 10.89
C ASP A 51 -11.49 -0.63 10.66
N GLN A 52 -12.66 -0.12 10.94
CA GLN A 52 -13.89 -0.92 10.73
C GLN A 52 -13.94 -1.47 9.29
N ALA A 53 -14.16 -0.60 8.34
CA ALA A 53 -14.21 -1.06 6.91
C ALA A 53 -12.81 -1.00 6.29
N GLY A 54 -11.80 -1.05 7.11
CA GLY A 54 -10.40 -0.97 6.57
C GLY A 54 -10.28 -1.83 5.31
N VAL A 55 -10.02 -3.09 5.46
CA VAL A 55 -9.88 -3.99 4.27
C VAL A 55 -10.95 -3.66 3.22
N ASP A 56 -12.08 -3.15 3.64
CA ASP A 56 -13.16 -2.83 2.67
C ASP A 56 -12.73 -1.65 1.78
N LYS A 57 -12.90 -0.45 2.26
CA LYS A 57 -12.50 0.73 1.44
C LYS A 57 -11.18 0.44 0.72
N VAL A 58 -10.36 -0.40 1.30
CA VAL A 58 -9.07 -0.74 0.66
C VAL A 58 -9.30 -1.55 -0.62
N LEU A 59 -10.18 -2.51 -0.57
CA LEU A 59 -10.45 -3.31 -1.80
C LEU A 59 -10.93 -2.36 -2.89
N ALA A 60 -11.69 -1.36 -2.54
CA ALA A 60 -12.16 -0.39 -3.56
C ALA A 60 -10.96 0.04 -4.40
N GLN A 61 -9.80 0.04 -3.81
CA GLN A 61 -8.56 0.42 -4.55
C GLN A 61 -7.73 -0.82 -4.83
N SER A 62 -8.37 -1.94 -4.94
CA SER A 62 -7.61 -3.19 -5.25
C SER A 62 -6.69 -2.93 -6.44
N ARG A 63 -6.96 -1.90 -7.19
CA ARG A 63 -6.10 -1.57 -8.35
C ARG A 63 -5.25 -0.33 -8.04
N HIS A 64 -5.63 0.39 -7.01
CA HIS A 64 -4.87 1.62 -6.63
C HIS A 64 -4.80 2.58 -7.80
N GLU A 65 -3.90 2.35 -8.68
CA GLU A 65 -3.74 3.21 -9.88
C GLU A 65 -3.54 4.66 -9.46
N LEU A 66 -2.47 5.24 -9.89
CA LEU A 66 -2.19 6.65 -9.54
C LEU A 66 -1.29 7.27 -10.60
N ASP A 67 0.00 7.16 -10.44
CA ASP A 67 0.91 7.71 -11.46
C ASP A 67 1.05 6.71 -12.61
N SER A 68 -0.07 6.28 -13.14
CA SER A 68 -0.05 5.28 -14.26
C SER A 68 0.24 3.88 -13.71
N LYS A 69 0.29 3.73 -12.41
CA LYS A 69 0.59 2.41 -11.81
C LYS A 69 -0.60 1.90 -11.00
N THR A 70 -1.17 0.80 -11.38
CA THR A 70 -2.33 0.23 -10.63
C THR A 70 -1.81 -0.71 -9.53
N ILE A 71 -1.39 -0.16 -8.42
CA ILE A 71 -0.87 -1.02 -7.33
C ILE A 71 -1.90 -2.10 -6.98
N ASP A 72 -1.66 -2.88 -5.96
CA ASP A 72 -2.61 -3.97 -5.61
C ASP A 72 -2.71 -4.15 -4.10
N PRO A 73 -3.53 -3.36 -3.46
CA PRO A 73 -3.71 -3.47 -2.00
C PRO A 73 -4.12 -4.88 -1.60
N LYS A 74 -3.27 -5.57 -0.90
CA LYS A 74 -3.64 -6.95 -0.44
C LYS A 74 -3.30 -7.09 1.04
N VAL A 75 -4.30 -7.17 1.86
CA VAL A 75 -4.07 -7.30 3.33
C VAL A 75 -4.11 -8.78 3.76
N ALA A 76 -3.52 -9.10 4.87
CA ALA A 76 -3.54 -10.51 5.35
C ALA A 76 -3.31 -11.47 4.18
N PHE A 77 -3.78 -12.69 4.31
CA PHE A 77 -3.59 -13.69 3.21
C PHE A 77 -4.70 -14.75 3.26
N CYS A 1 -0.34 -10.74 10.37
CA CYS A 1 0.27 -9.59 11.10
C CYS A 1 -0.34 -8.27 10.62
N LYS A 2 -0.02 -7.87 9.41
CA LYS A 2 -0.58 -6.59 8.89
C LYS A 2 -0.96 -6.73 7.41
N MET A 3 -1.23 -5.65 6.75
CA MET A 3 -1.59 -5.72 5.30
C MET A 3 -0.38 -5.35 4.45
N PHE A 4 -0.46 -5.53 3.16
CA PHE A 4 0.70 -5.19 2.29
C PHE A 4 0.22 -4.70 0.93
N ILE A 5 1.01 -3.93 0.26
CA ILE A 5 0.62 -3.40 -1.09
C ILE A 5 1.65 -3.85 -2.13
N GLY A 6 1.25 -4.02 -3.37
CA GLY A 6 2.23 -4.48 -4.40
C GLY A 6 2.14 -3.64 -5.67
N GLY A 7 3.27 -3.32 -6.25
CA GLY A 7 3.26 -2.52 -7.50
C GLY A 7 3.63 -1.07 -7.20
N LEU A 8 4.42 -0.86 -6.19
CA LEU A 8 4.81 0.52 -5.82
C LEU A 8 5.40 1.23 -7.04
N SER A 9 4.73 2.23 -7.53
CA SER A 9 5.26 2.98 -8.70
C SER A 9 6.66 3.52 -8.39
N TRP A 10 7.31 4.08 -9.37
CA TRP A 10 8.68 4.64 -9.13
C TRP A 10 8.60 6.02 -8.47
N GLN A 11 7.44 6.39 -8.00
CA GLN A 11 7.31 7.72 -7.35
C GLN A 11 6.52 7.59 -6.03
N THR A 12 6.10 6.40 -5.71
CA THR A 12 5.34 6.20 -4.46
C THR A 12 6.21 6.51 -3.25
N THR A 13 5.62 6.81 -2.12
CA THR A 13 6.43 7.12 -0.91
C THR A 13 5.86 6.40 0.31
N GLN A 14 6.37 6.68 1.48
CA GLN A 14 5.84 6.00 2.69
C GLN A 14 4.70 6.82 3.29
N GLU A 15 5.00 7.91 3.94
CA GLU A 15 3.89 8.70 4.53
C GLU A 15 2.82 8.90 3.47
N GLY A 16 3.21 9.31 2.29
CA GLY A 16 2.21 9.49 1.22
C GLY A 16 1.35 8.22 1.18
N LEU A 17 1.94 7.10 1.49
CA LEU A 17 1.17 5.85 1.50
C LEU A 17 0.38 5.80 2.81
N ARG A 18 0.99 6.23 3.89
CA ARG A 18 0.27 6.25 5.19
C ARG A 18 -0.96 7.11 5.02
N GLU A 19 -0.88 8.00 4.09
CA GLU A 19 -2.02 8.91 3.81
C GLU A 19 -2.92 8.25 2.77
N TYR A 20 -2.38 7.32 2.04
CA TYR A 20 -3.19 6.63 1.01
C TYR A 20 -4.17 5.67 1.67
N PHE A 21 -3.80 5.14 2.81
CA PHE A 21 -4.71 4.21 3.52
C PHE A 21 -5.21 4.88 4.80
N GLY A 22 -4.46 5.82 5.29
CA GLY A 22 -4.90 6.53 6.53
C GLY A 22 -6.07 7.46 6.19
N GLN A 23 -6.35 7.62 4.92
CA GLN A 23 -7.46 8.50 4.51
C GLN A 23 -8.81 7.83 4.80
N PHE A 24 -8.99 6.62 4.35
CA PHE A 24 -10.29 5.92 4.59
C PHE A 24 -10.12 4.86 5.68
N GLY A 25 -8.99 4.83 6.33
CA GLY A 25 -8.77 3.81 7.41
C GLY A 25 -7.74 4.32 8.41
N GLU A 26 -7.50 3.58 9.46
CA GLU A 26 -6.51 4.03 10.47
C GLU A 26 -5.16 3.33 10.22
N VAL A 27 -4.17 4.06 9.78
CA VAL A 27 -2.86 3.44 9.52
C VAL A 27 -1.98 3.48 10.78
N LYS A 28 -1.52 2.35 11.23
CA LYS A 28 -0.66 2.32 12.45
C LYS A 28 0.81 2.34 12.04
N GLU A 29 1.11 1.86 10.86
CA GLU A 29 2.53 1.85 10.39
C GLU A 29 2.61 1.24 8.99
N CYS A 30 3.58 1.64 8.22
CA CYS A 30 3.72 1.09 6.84
C CYS A 30 5.19 0.96 6.47
N LEU A 31 5.50 0.39 5.33
CA LEU A 31 6.92 0.25 4.93
C LEU A 31 7.05 0.31 3.40
N VAL A 32 8.11 0.90 2.90
CA VAL A 32 8.27 0.98 1.43
C VAL A 32 9.67 0.54 1.00
N MET A 33 9.75 -0.26 -0.02
CA MET A 33 11.07 -0.73 -0.51
C MET A 33 11.09 -0.73 -2.04
N ARG A 34 12.24 -0.49 -2.63
CA ARG A 34 12.34 -0.48 -4.11
C ARG A 34 13.74 -0.92 -4.54
N ASP A 35 14.76 -0.36 -3.94
CA ASP A 35 16.16 -0.74 -4.31
C ASP A 35 16.38 -0.59 -5.82
N PRO A 36 16.20 0.61 -6.32
CA PRO A 36 16.41 0.87 -7.77
C PRO A 36 17.87 0.65 -8.17
N LEU A 37 18.40 -0.52 -7.92
CA LEU A 37 19.82 -0.79 -8.28
C LEU A 37 19.88 -1.69 -9.51
N THR A 38 19.20 -2.80 -9.46
CA THR A 38 19.22 -3.73 -10.62
C THR A 38 17.80 -4.26 -10.89
N LYS A 39 16.82 -3.71 -10.21
CA LYS A 39 15.39 -4.15 -10.41
C LYS A 39 15.15 -5.49 -9.75
N ARG A 40 16.19 -6.14 -9.33
CA ARG A 40 16.03 -7.46 -8.67
C ARG A 40 14.91 -7.41 -7.63
N SER A 41 14.77 -6.31 -6.94
CA SER A 41 13.70 -6.20 -5.91
C SER A 41 12.32 -6.33 -6.55
N ARG A 42 11.33 -5.74 -5.95
CA ARG A 42 9.95 -5.82 -6.54
C ARG A 42 9.30 -4.45 -6.54
N GLY A 43 9.43 -3.71 -5.47
CA GLY A 43 8.82 -2.36 -5.41
C GLY A 43 7.41 -2.47 -4.82
N PHE A 44 7.29 -2.34 -3.52
CA PHE A 44 5.94 -2.43 -2.90
C PHE A 44 5.88 -1.59 -1.64
N GLY A 45 4.76 -1.61 -0.95
CA GLY A 45 4.63 -0.80 0.29
C GLY A 45 3.72 -1.52 1.28
N PHE A 46 4.22 -1.83 2.45
CA PHE A 46 3.40 -2.53 3.46
C PHE A 46 2.56 -1.53 4.24
N VAL A 47 1.44 -1.96 4.76
CA VAL A 47 0.58 -1.04 5.54
C VAL A 47 -0.18 -1.85 6.60
N THR A 48 -0.14 -1.42 7.83
CA THR A 48 -0.85 -2.18 8.90
C THR A 48 -1.94 -1.33 9.56
N PHE A 49 -2.89 -0.87 8.81
CA PHE A 49 -3.98 -0.05 9.43
C PHE A 49 -4.87 -0.94 10.31
N MET A 50 -6.05 -0.48 10.63
CA MET A 50 -6.96 -1.31 11.48
C MET A 50 -7.81 -2.23 10.62
N ASP A 51 -8.92 -2.68 11.13
CA ASP A 51 -9.80 -3.59 10.33
C ASP A 51 -11.19 -2.99 10.19
N GLN A 52 -12.22 -3.79 10.28
CA GLN A 52 -13.61 -3.25 10.15
C GLN A 52 -13.81 -2.64 8.76
N ALA A 53 -14.63 -1.64 8.67
CA ALA A 53 -14.88 -1.00 7.33
C ALA A 53 -13.56 -0.55 6.71
N GLY A 54 -12.59 -0.22 7.52
CA GLY A 54 -11.28 0.22 6.97
C GLY A 54 -10.81 -0.75 5.89
N VAL A 55 -10.52 -1.96 6.26
CA VAL A 55 -10.04 -2.96 5.25
C VAL A 55 -10.95 -2.93 4.02
N ASP A 56 -12.24 -3.05 4.19
CA ASP A 56 -13.16 -3.03 3.03
C ASP A 56 -12.73 -1.94 2.05
N LYS A 57 -12.57 -0.73 2.52
CA LYS A 57 -12.17 0.37 1.62
C LYS A 57 -10.82 0.06 0.96
N VAL A 58 -9.91 -0.52 1.68
CA VAL A 58 -8.60 -0.87 1.09
C VAL A 58 -8.81 -1.73 -0.16
N LEU A 59 -9.41 -2.88 0.00
CA LEU A 59 -9.67 -3.76 -1.18
C LEU A 59 -10.19 -2.91 -2.34
N ALA A 60 -11.07 -1.99 -2.07
CA ALA A 60 -11.60 -1.13 -3.16
C ALA A 60 -10.43 -0.61 -4.00
N GLN A 61 -9.28 -0.48 -3.42
CA GLN A 61 -8.09 -0.01 -4.17
C GLN A 61 -7.19 -1.18 -4.54
N SER A 62 -7.75 -2.35 -4.57
CA SER A 62 -6.94 -3.53 -4.94
C SER A 62 -6.24 -3.25 -6.27
N ARG A 63 -6.69 -2.24 -6.99
CA ARG A 63 -6.03 -1.90 -8.27
C ARG A 63 -5.11 -0.69 -8.06
N HIS A 64 -5.19 -0.06 -6.92
CA HIS A 64 -4.34 1.13 -6.62
C HIS A 64 -4.01 1.93 -7.87
N GLU A 65 -4.97 2.16 -8.72
CA GLU A 65 -4.67 2.97 -9.94
C GLU A 65 -4.97 4.43 -9.69
N LEU A 66 -3.99 5.27 -9.86
CA LEU A 66 -4.19 6.72 -9.63
C LEU A 66 -3.19 7.53 -10.45
N ASP A 67 -2.01 7.72 -9.94
CA ASP A 67 -0.99 8.49 -10.69
C ASP A 67 -0.38 7.61 -11.78
N SER A 68 -1.22 7.01 -12.60
CA SER A 68 -0.71 6.13 -13.69
C SER A 68 -0.15 4.82 -13.11
N LYS A 69 -0.22 4.65 -11.82
CA LYS A 69 0.31 3.41 -11.21
C LYS A 69 -0.85 2.58 -10.63
N THR A 70 -0.94 1.33 -11.01
CA THR A 70 -2.03 0.45 -10.50
C THR A 70 -1.49 -0.54 -9.46
N ILE A 71 -1.02 -0.05 -8.35
CA ILE A 71 -0.48 -0.96 -7.31
C ILE A 71 -1.53 -2.04 -6.99
N ASP A 72 -1.28 -2.90 -6.03
CA ASP A 72 -2.26 -3.97 -5.73
C ASP A 72 -2.28 -4.29 -4.23
N PRO A 73 -3.04 -3.53 -3.50
CA PRO A 73 -3.14 -3.74 -2.04
C PRO A 73 -3.62 -5.17 -1.74
N LYS A 74 -2.78 -5.97 -1.16
CA LYS A 74 -3.21 -7.35 -0.82
C LYS A 74 -3.30 -7.48 0.70
N VAL A 75 -4.49 -7.54 1.20
CA VAL A 75 -4.68 -7.65 2.67
C VAL A 75 -4.90 -9.10 3.08
N ALA A 76 -4.57 -9.46 4.29
CA ALA A 76 -4.77 -10.86 4.74
C ALA A 76 -5.39 -10.88 6.14
N PHE A 77 -5.21 -11.94 6.86
CA PHE A 77 -5.78 -12.02 8.24
C PHE A 77 -7.31 -11.84 8.17
N CYS A 1 -1.87 -11.20 10.01
CA CYS A 1 -0.74 -10.42 9.42
C CYS A 1 -1.21 -9.02 9.04
N LYS A 2 -0.33 -8.06 9.08
CA LYS A 2 -0.72 -6.67 8.71
C LYS A 2 -1.02 -6.59 7.21
N MET A 3 -1.59 -5.50 6.76
CA MET A 3 -1.92 -5.37 5.32
C MET A 3 -0.65 -5.06 4.52
N PHE A 4 -0.68 -5.26 3.23
CA PHE A 4 0.52 -4.98 2.40
C PHE A 4 0.10 -4.56 0.99
N ILE A 5 0.84 -3.69 0.37
CA ILE A 5 0.48 -3.24 -1.01
C ILE A 5 1.57 -3.73 -1.97
N GLY A 6 1.20 -4.14 -3.16
CA GLY A 6 2.23 -4.64 -4.12
C GLY A 6 2.26 -3.82 -5.40
N GLY A 7 3.42 -3.34 -5.78
CA GLY A 7 3.54 -2.55 -7.04
C GLY A 7 3.76 -1.07 -6.70
N LEU A 8 4.63 -0.78 -5.77
CA LEU A 8 4.86 0.63 -5.41
C LEU A 8 5.27 1.44 -6.64
N SER A 9 4.46 2.37 -7.05
CA SER A 9 4.80 3.19 -8.25
C SER A 9 6.26 3.67 -8.15
N TRP A 10 6.77 4.25 -9.21
CA TRP A 10 8.18 4.72 -9.19
C TRP A 10 8.27 6.10 -8.50
N GLN A 11 7.22 6.52 -7.85
CA GLN A 11 7.25 7.83 -7.17
C GLN A 11 6.46 7.77 -5.86
N THR A 12 6.04 6.60 -5.46
CA THR A 12 5.26 6.47 -4.21
C THR A 12 6.16 6.72 -2.99
N THR A 13 5.59 6.98 -1.85
CA THR A 13 6.43 7.22 -0.65
C THR A 13 5.75 6.60 0.59
N GLN A 14 6.31 6.80 1.75
CA GLN A 14 5.70 6.21 2.98
C GLN A 14 4.53 7.04 3.47
N GLU A 15 4.78 8.19 4.03
CA GLU A 15 3.63 9.01 4.51
C GLU A 15 2.59 9.09 3.41
N GLY A 16 3.01 9.43 2.22
CA GLY A 16 2.05 9.49 1.10
C GLY A 16 1.22 8.21 1.11
N LEU A 17 1.80 7.14 1.57
CA LEU A 17 1.04 5.87 1.64
C LEU A 17 0.16 5.96 2.89
N ARG A 18 0.68 6.51 3.96
CA ARG A 18 -0.14 6.66 5.18
C ARG A 18 -1.35 7.50 4.84
N GLU A 19 -1.19 8.32 3.85
CA GLU A 19 -2.30 9.18 3.40
C GLU A 19 -3.12 8.42 2.36
N TYR A 20 -2.54 7.40 1.78
CA TYR A 20 -3.28 6.62 0.76
C TYR A 20 -4.23 5.63 1.42
N PHE A 21 -3.80 4.97 2.46
CA PHE A 21 -4.69 4.00 3.16
C PHE A 21 -5.14 4.60 4.48
N GLY A 22 -4.35 5.46 5.04
CA GLY A 22 -4.74 6.10 6.32
C GLY A 22 -5.94 7.02 6.06
N GLN A 23 -6.26 7.24 4.81
CA GLN A 23 -7.41 8.11 4.48
C GLN A 23 -8.71 7.49 5.01
N PHE A 24 -8.82 6.20 4.95
CA PHE A 24 -10.04 5.53 5.47
C PHE A 24 -9.66 4.43 6.47
N GLY A 25 -8.39 4.27 6.73
CA GLY A 25 -7.96 3.22 7.70
C GLY A 25 -6.72 3.70 8.46
N GLU A 26 -6.90 4.22 9.64
CA GLU A 26 -5.75 4.71 10.44
C GLU A 26 -4.53 3.78 10.27
N VAL A 27 -3.42 4.30 9.83
CA VAL A 27 -2.22 3.46 9.62
C VAL A 27 -1.35 3.43 10.89
N LYS A 28 -1.15 2.27 11.44
CA LYS A 28 -0.30 2.17 12.67
C LYS A 28 1.17 2.04 12.27
N GLU A 29 1.43 1.61 11.06
CA GLU A 29 2.84 1.47 10.61
C GLU A 29 2.89 0.97 9.15
N CYS A 30 3.85 1.43 8.40
CA CYS A 30 3.96 0.99 6.97
C CYS A 30 5.42 0.94 6.55
N LEU A 31 5.71 0.40 5.40
CA LEU A 31 7.14 0.34 4.96
C LEU A 31 7.25 0.42 3.42
N VAL A 32 8.12 1.23 2.91
CA VAL A 32 8.26 1.33 1.42
C VAL A 32 9.60 0.73 1.00
N MET A 33 9.58 -0.14 0.03
CA MET A 33 10.85 -0.78 -0.40
C MET A 33 10.87 -0.96 -1.93
N ARG A 34 12.02 -1.31 -2.47
CA ARG A 34 12.12 -1.52 -3.93
C ARG A 34 12.68 -2.92 -4.20
N ASP A 35 13.20 -3.15 -5.39
CA ASP A 35 13.78 -4.50 -5.67
C ASP A 35 14.23 -4.60 -7.14
N PRO A 36 13.32 -4.39 -8.06
CA PRO A 36 13.66 -4.47 -9.50
C PRO A 36 14.78 -3.49 -9.84
N LEU A 37 14.83 -3.03 -11.07
CA LEU A 37 15.90 -2.09 -11.48
C LEU A 37 15.43 -0.64 -11.33
N THR A 38 14.52 -0.22 -12.16
CA THR A 38 14.03 1.19 -12.07
C THR A 38 12.98 1.47 -13.15
N LYS A 39 13.08 0.82 -14.27
CA LYS A 39 12.08 1.05 -15.34
C LYS A 39 10.68 0.76 -14.79
N ARG A 40 10.54 -0.38 -14.18
CA ARG A 40 9.23 -0.76 -13.60
C ARG A 40 8.79 0.28 -12.54
N SER A 41 7.97 -0.12 -11.61
CA SER A 41 7.55 0.83 -10.55
C SER A 41 8.71 1.03 -9.55
N ARG A 42 8.58 0.57 -8.34
CA ARG A 42 9.69 0.73 -7.38
C ARG A 42 9.87 -0.60 -6.61
N GLY A 43 8.78 -1.19 -6.23
CA GLY A 43 8.83 -2.49 -5.49
C GLY A 43 7.49 -2.72 -4.82
N PHE A 44 7.32 -2.22 -3.63
CA PHE A 44 6.01 -2.41 -2.92
C PHE A 44 6.04 -1.69 -1.57
N GLY A 45 4.96 -1.73 -0.86
CA GLY A 45 4.90 -1.05 0.46
C GLY A 45 4.10 -1.90 1.44
N PHE A 46 4.22 -1.63 2.71
CA PHE A 46 3.48 -2.41 3.73
C PHE A 46 2.63 -1.48 4.59
N VAL A 47 1.51 -1.94 5.06
CA VAL A 47 0.65 -1.07 5.90
C VAL A 47 -0.11 -1.92 6.92
N THR A 48 -0.02 -1.57 8.17
CA THR A 48 -0.74 -2.35 9.22
C THR A 48 -1.95 -1.57 9.72
N PHE A 49 -2.40 -0.61 8.97
CA PHE A 49 -3.58 0.19 9.41
C PHE A 49 -4.72 -0.75 9.85
N MET A 50 -5.43 -0.40 10.87
CA MET A 50 -6.55 -1.28 11.34
C MET A 50 -7.79 -0.44 11.66
N ASP A 51 -8.89 -0.74 11.05
CA ASP A 51 -10.14 0.05 11.33
C ASP A 51 -11.37 -0.84 11.14
N GLN A 52 -12.51 -0.24 10.95
CA GLN A 52 -13.76 -1.04 10.77
C GLN A 52 -13.86 -1.54 9.32
N ALA A 53 -14.15 -0.66 8.40
CA ALA A 53 -14.25 -1.08 6.98
C ALA A 53 -12.88 -1.02 6.30
N GLY A 54 -11.84 -1.08 7.07
CA GLY A 54 -10.47 -1.03 6.46
C GLY A 54 -10.43 -1.94 5.23
N VAL A 55 -10.60 -3.21 5.42
CA VAL A 55 -10.57 -4.15 4.26
C VAL A 55 -11.57 -3.69 3.19
N ASP A 56 -12.57 -2.95 3.58
CA ASP A 56 -13.57 -2.47 2.59
C ASP A 56 -12.98 -1.33 1.76
N LYS A 57 -12.84 -0.18 2.34
CA LYS A 57 -12.28 0.97 1.59
C LYS A 57 -11.00 0.54 0.87
N VAL A 58 -10.13 -0.16 1.52
CA VAL A 58 -8.89 -0.62 0.85
C VAL A 58 -9.27 -1.35 -0.43
N LEU A 59 -10.14 -2.32 -0.32
CA LEU A 59 -10.59 -3.08 -1.52
C LEU A 59 -10.81 -2.12 -2.68
N ALA A 60 -11.57 -1.09 -2.46
CA ALA A 60 -11.83 -0.11 -3.56
C ALA A 60 -10.54 0.18 -4.32
N GLN A 61 -9.41 0.06 -3.66
CA GLN A 61 -8.11 0.34 -4.35
C GLN A 61 -7.40 -0.97 -4.67
N SER A 62 -8.13 -2.04 -4.75
CA SER A 62 -7.51 -3.33 -5.09
C SER A 62 -6.68 -3.18 -6.37
N ARG A 63 -6.92 -2.12 -7.11
CA ARG A 63 -6.14 -1.90 -8.35
C ARG A 63 -5.17 -0.73 -8.15
N HIS A 64 -5.23 -0.09 -7.02
CA HIS A 64 -4.32 1.05 -6.73
C HIS A 64 -4.03 1.86 -7.99
N GLU A 65 -4.95 1.93 -8.91
CA GLU A 65 -4.66 2.73 -10.13
C GLU A 65 -5.00 4.19 -9.90
N LEU A 66 -4.02 5.03 -9.98
CA LEU A 66 -4.25 6.48 -9.77
C LEU A 66 -3.20 7.31 -10.51
N ASP A 67 -1.99 7.33 -10.04
CA ASP A 67 -0.93 8.10 -10.73
C ASP A 67 -0.39 7.29 -11.90
N SER A 68 -1.26 6.75 -12.71
CA SER A 68 -0.80 5.94 -13.88
C SER A 68 -0.25 4.59 -13.42
N LYS A 69 -0.24 4.35 -12.14
CA LYS A 69 0.29 3.07 -11.63
C LYS A 69 -0.83 2.27 -10.97
N THR A 70 -0.86 0.98 -11.19
CA THR A 70 -1.93 0.12 -10.60
C THR A 70 -1.35 -0.85 -9.57
N ILE A 71 -0.94 -0.34 -8.44
CA ILE A 71 -0.37 -1.23 -7.39
C ILE A 71 -1.37 -2.35 -7.06
N ASP A 72 -1.12 -3.14 -6.06
CA ASP A 72 -2.06 -4.24 -5.73
C ASP A 72 -2.15 -4.45 -4.20
N PRO A 73 -3.05 -3.71 -3.59
CA PRO A 73 -3.24 -3.84 -2.12
C PRO A 73 -3.70 -5.24 -1.75
N LYS A 74 -2.89 -6.00 -1.07
CA LYS A 74 -3.33 -7.35 -0.65
C LYS A 74 -3.39 -7.40 0.88
N VAL A 75 -4.57 -7.46 1.41
CA VAL A 75 -4.72 -7.50 2.90
C VAL A 75 -4.89 -8.94 3.37
N ALA A 76 -4.48 -9.23 4.59
CA ALA A 76 -4.61 -10.63 5.10
C ALA A 76 -5.70 -10.68 6.18
N PHE A 77 -6.69 -11.52 6.00
CA PHE A 77 -7.77 -11.62 7.03
C PHE A 77 -7.51 -12.84 7.93
N CYS A 1 2.10 -8.71 11.72
CA CYS A 1 0.67 -8.75 11.28
C CYS A 1 0.29 -7.45 10.59
N LYS A 2 0.73 -7.24 9.38
CA LYS A 2 0.38 -5.99 8.66
C LYS A 2 -0.05 -6.30 7.23
N MET A 3 -0.86 -5.46 6.65
CA MET A 3 -1.31 -5.71 5.25
C MET A 3 -0.17 -5.43 4.28
N PHE A 4 -0.42 -5.44 3.01
CA PHE A 4 0.66 -5.17 2.03
C PHE A 4 0.10 -4.54 0.77
N ILE A 5 0.83 -3.65 0.16
CA ILE A 5 0.35 -3.00 -1.09
C ILE A 5 1.31 -3.33 -2.23
N GLY A 6 0.81 -3.85 -3.32
CA GLY A 6 1.72 -4.23 -4.45
C GLY A 6 1.54 -3.30 -5.64
N GLY A 7 2.52 -3.25 -6.51
CA GLY A 7 2.42 -2.37 -7.71
C GLY A 7 2.12 -0.95 -7.26
N LEU A 8 2.73 -0.53 -6.19
CA LEU A 8 2.48 0.84 -5.68
C LEU A 8 3.38 1.86 -6.39
N SER A 9 2.85 3.03 -6.63
CA SER A 9 3.63 4.09 -7.32
C SER A 9 5.07 4.10 -6.85
N TRP A 10 5.99 4.19 -7.77
CA TRP A 10 7.43 4.22 -7.38
C TRP A 10 7.76 5.52 -6.65
N GLN A 11 7.17 6.60 -7.08
CA GLN A 11 7.44 7.91 -6.43
C GLN A 11 6.71 7.99 -5.08
N THR A 12 6.00 6.97 -4.72
CA THR A 12 5.27 6.98 -3.43
C THR A 12 6.26 6.94 -2.26
N THR A 13 5.87 7.46 -1.13
CA THR A 13 6.78 7.42 0.05
C THR A 13 6.09 6.73 1.22
N GLN A 14 6.70 6.72 2.37
CA GLN A 14 6.07 6.04 3.54
C GLN A 14 4.88 6.84 4.06
N GLU A 15 5.11 7.94 4.71
CA GLU A 15 3.95 8.72 5.21
C GLU A 15 2.94 8.88 4.09
N GLY A 16 3.39 9.32 2.94
CA GLY A 16 2.46 9.46 1.79
C GLY A 16 1.68 8.16 1.66
N LEU A 17 2.27 7.06 2.07
CA LEU A 17 1.53 5.79 2.00
C LEU A 17 0.64 5.71 3.24
N ARG A 18 1.13 6.17 4.36
CA ARG A 18 0.30 6.16 5.58
C ARG A 18 -0.95 6.98 5.29
N GLU A 19 -0.82 7.90 4.40
CA GLU A 19 -1.97 8.75 4.00
C GLU A 19 -2.69 8.07 2.85
N TYR A 20 -2.01 7.20 2.17
CA TYR A 20 -2.63 6.48 1.03
C TYR A 20 -3.72 5.53 1.54
N PHE A 21 -3.57 5.05 2.74
CA PHE A 21 -4.59 4.14 3.33
C PHE A 21 -5.19 4.79 4.57
N GLY A 22 -4.51 5.77 5.11
CA GLY A 22 -5.06 6.46 6.31
C GLY A 22 -6.28 7.29 5.89
N GLN A 23 -6.46 7.45 4.61
CA GLN A 23 -7.62 8.25 4.11
C GLN A 23 -8.92 7.57 4.54
N PHE A 24 -9.01 6.29 4.32
CA PHE A 24 -10.25 5.55 4.73
C PHE A 24 -9.91 4.47 5.75
N GLY A 25 -8.69 4.45 6.22
CA GLY A 25 -8.30 3.41 7.22
C GLY A 25 -7.05 3.87 7.98
N GLU A 26 -7.23 4.39 9.17
CA GLU A 26 -6.06 4.85 9.97
C GLU A 26 -4.90 3.87 9.83
N VAL A 27 -3.69 4.34 9.89
CA VAL A 27 -2.52 3.42 9.76
C VAL A 27 -1.61 3.50 10.98
N LYS A 28 -1.00 2.41 11.34
CA LYS A 28 -0.08 2.42 12.52
C LYS A 28 1.37 2.36 12.06
N GLU A 29 1.62 1.69 10.96
CA GLU A 29 3.03 1.61 10.46
C GLU A 29 3.04 1.05 9.02
N CYS A 30 4.02 1.41 8.25
CA CYS A 30 4.09 0.90 6.85
C CYS A 30 5.55 0.81 6.38
N LEU A 31 5.79 0.16 5.28
CA LEU A 31 7.19 0.05 4.78
C LEU A 31 7.23 0.23 3.26
N VAL A 32 8.02 1.14 2.77
CA VAL A 32 8.05 1.36 1.29
C VAL A 32 9.41 0.99 0.70
N MET A 33 9.42 0.21 -0.34
CA MET A 33 10.71 -0.19 -0.98
C MET A 33 10.60 0.01 -2.49
N ARG A 34 11.68 0.34 -3.13
CA ARG A 34 11.66 0.55 -4.60
C ARG A 34 12.82 -0.21 -5.26
N ASP A 35 13.98 0.39 -5.31
CA ASP A 35 15.13 -0.29 -5.95
C ASP A 35 16.37 -0.20 -5.05
N PRO A 36 16.53 -1.16 -4.18
CA PRO A 36 17.69 -1.19 -3.25
C PRO A 36 18.99 -1.26 -4.05
N LEU A 37 19.08 -2.19 -4.97
CA LEU A 37 20.32 -2.32 -5.79
C LEU A 37 20.18 -1.46 -7.05
N THR A 38 19.18 -1.70 -7.83
CA THR A 38 18.98 -0.89 -9.07
C THR A 38 17.53 -1.03 -9.56
N LYS A 39 17.01 -2.22 -9.57
CA LYS A 39 15.61 -2.41 -10.03
C LYS A 39 15.18 -3.88 -9.86
N ARG A 40 15.82 -4.61 -8.98
CA ARG A 40 15.44 -6.03 -8.78
C ARG A 40 14.19 -6.13 -7.91
N SER A 41 13.99 -5.18 -7.02
CA SER A 41 12.80 -5.23 -6.15
C SER A 41 11.53 -5.23 -7.00
N ARG A 42 10.44 -4.73 -6.48
CA ARG A 42 9.17 -4.71 -7.26
C ARG A 42 8.48 -3.34 -7.15
N GLY A 43 8.67 -2.65 -6.06
CA GLY A 43 8.02 -1.32 -5.90
C GLY A 43 6.68 -1.50 -5.19
N PHE A 44 6.68 -1.49 -3.88
CA PHE A 44 5.40 -1.67 -3.15
C PHE A 44 5.44 -0.96 -1.80
N GLY A 45 4.44 -1.17 -0.99
CA GLY A 45 4.41 -0.50 0.34
C GLY A 45 3.60 -1.34 1.32
N PHE A 46 4.21 -1.77 2.39
CA PHE A 46 3.47 -2.57 3.40
C PHE A 46 2.74 -1.64 4.35
N VAL A 47 1.62 -2.05 4.87
CA VAL A 47 0.87 -1.15 5.79
C VAL A 47 0.09 -1.96 6.83
N THR A 48 0.45 -1.83 8.08
CA THR A 48 -0.29 -2.59 9.13
C THR A 48 -1.60 -1.87 9.47
N PHE A 49 -1.90 -0.81 8.76
CA PHE A 49 -3.15 -0.06 9.05
C PHE A 49 -4.34 -1.02 9.12
N MET A 50 -5.38 -0.65 9.81
CA MET A 50 -6.56 -1.56 9.92
C MET A 50 -7.74 -0.82 10.56
N ASP A 51 -8.79 -0.60 9.82
CA ASP A 51 -9.97 0.10 10.39
C ASP A 51 -11.25 -0.65 10.04
N GLN A 52 -12.34 -0.34 10.69
CA GLN A 52 -13.62 -1.04 10.39
C GLN A 52 -13.80 -1.20 8.88
N ALA A 53 -14.08 -0.13 8.19
CA ALA A 53 -14.25 -0.23 6.71
C ALA A 53 -12.90 -0.07 6.01
N GLY A 54 -11.86 0.20 6.74
CA GLY A 54 -10.53 0.37 6.10
C GLY A 54 -10.26 -0.79 5.14
N VAL A 55 -9.91 -1.94 5.66
CA VAL A 55 -9.63 -3.11 4.77
C VAL A 55 -10.66 -3.17 3.64
N ASP A 56 -11.92 -3.13 3.96
CA ASP A 56 -12.97 -3.19 2.91
C ASP A 56 -12.63 -2.22 1.78
N LYS A 57 -12.39 -0.98 2.10
CA LYS A 57 -12.07 0.02 1.05
C LYS A 57 -10.72 -0.30 0.41
N VAL A 58 -9.77 -0.78 1.17
CA VAL A 58 -8.45 -1.11 0.60
C VAL A 58 -8.62 -2.05 -0.60
N LEU A 59 -8.95 -3.29 -0.36
CA LEU A 59 -9.13 -4.24 -1.49
C LEU A 59 -10.01 -3.58 -2.55
N ALA A 60 -10.99 -2.82 -2.15
CA ALA A 60 -11.84 -2.14 -3.15
C ALA A 60 -10.95 -1.39 -4.13
N GLN A 61 -9.77 -1.02 -3.68
CA GLN A 61 -8.82 -0.29 -4.57
C GLN A 61 -7.73 -1.24 -5.03
N SER A 62 -8.03 -2.52 -5.07
CA SER A 62 -7.03 -3.50 -5.54
C SER A 62 -6.52 -3.07 -6.92
N ARG A 63 -7.24 -2.18 -7.56
CA ARG A 63 -6.81 -1.69 -8.89
C ARG A 63 -6.43 -0.21 -8.81
N HIS A 64 -6.38 0.31 -7.60
CA HIS A 64 -6.05 1.76 -7.36
C HIS A 64 -5.69 2.51 -8.62
N GLU A 65 -4.50 2.32 -9.08
CA GLU A 65 -4.04 3.04 -10.30
C GLU A 65 -4.11 4.54 -10.05
N LEU A 66 -3.01 5.22 -10.19
CA LEU A 66 -3.02 6.68 -9.95
C LEU A 66 -1.84 7.35 -10.67
N ASP A 67 -0.72 6.71 -10.70
CA ASP A 67 0.45 7.28 -11.41
C ASP A 67 0.88 6.29 -12.47
N SER A 68 -0.06 5.80 -13.24
CA SER A 68 0.25 4.77 -14.28
C SER A 68 0.51 3.43 -13.60
N LYS A 69 0.39 3.39 -12.30
CA LYS A 69 0.63 2.15 -11.55
C LYS A 69 -0.66 1.73 -10.86
N THR A 70 -1.18 0.57 -11.18
CA THR A 70 -2.44 0.09 -10.53
C THR A 70 -2.10 -0.75 -9.31
N ILE A 71 -1.74 -0.11 -8.23
CA ILE A 71 -1.37 -0.88 -6.99
C ILE A 71 -2.31 -2.07 -6.80
N ASP A 72 -1.95 -2.95 -5.92
CA ASP A 72 -2.80 -4.13 -5.65
C ASP A 72 -2.95 -4.31 -4.15
N PRO A 73 -3.66 -3.41 -3.53
CA PRO A 73 -3.88 -3.48 -2.07
C PRO A 73 -4.33 -4.88 -1.67
N LYS A 74 -3.52 -5.59 -0.96
CA LYS A 74 -3.92 -6.96 -0.53
C LYS A 74 -3.76 -7.11 0.98
N VAL A 75 -4.87 -7.15 1.67
CA VAL A 75 -4.83 -7.28 3.15
C VAL A 75 -5.00 -8.75 3.54
N ALA A 76 -4.50 -9.14 4.68
CA ALA A 76 -4.63 -10.56 5.10
C ALA A 76 -6.03 -10.84 5.65
N PHE A 77 -6.89 -9.86 5.64
CA PHE A 77 -8.27 -10.07 6.18
C PHE A 77 -9.30 -9.86 5.06
N CYS A 1 0.89 -9.56 10.53
CA CYS A 1 -0.54 -9.18 10.40
C CYS A 1 -0.65 -7.70 10.00
N LYS A 2 -0.43 -7.40 8.76
CA LYS A 2 -0.51 -5.98 8.30
C LYS A 2 -0.79 -5.93 6.80
N MET A 3 -1.56 -4.96 6.35
CA MET A 3 -1.86 -4.87 4.90
C MET A 3 -0.56 -4.82 4.10
N PHE A 4 -0.63 -5.21 2.85
CA PHE A 4 0.59 -5.20 2.00
C PHE A 4 0.23 -4.69 0.60
N ILE A 5 0.82 -3.61 0.18
CA ILE A 5 0.50 -3.06 -1.17
C ILE A 5 1.49 -3.62 -2.20
N GLY A 6 1.03 -4.01 -3.36
CA GLY A 6 1.97 -4.61 -4.36
C GLY A 6 2.20 -3.69 -5.58
N GLY A 7 3.44 -3.53 -5.95
CA GLY A 7 3.79 -2.68 -7.13
C GLY A 7 3.36 -1.24 -6.89
N LEU A 8 3.51 -0.79 -5.68
CA LEU A 8 3.10 0.61 -5.36
C LEU A 8 3.92 1.61 -6.17
N SER A 9 3.35 2.75 -6.44
CA SER A 9 4.08 3.78 -7.25
C SER A 9 5.55 3.85 -6.85
N TRP A 10 6.43 3.65 -7.80
CA TRP A 10 7.88 3.71 -7.49
C TRP A 10 8.27 5.12 -7.02
N GLN A 11 7.41 6.08 -7.22
CA GLN A 11 7.74 7.46 -6.80
C GLN A 11 7.05 7.80 -5.48
N THR A 12 6.01 7.09 -5.16
CA THR A 12 5.29 7.36 -3.90
C THR A 12 6.24 7.29 -2.70
N THR A 13 5.70 7.15 -1.53
CA THR A 13 6.57 7.08 -0.32
C THR A 13 5.83 6.40 0.82
N GLN A 14 6.36 6.46 2.01
CA GLN A 14 5.68 5.81 3.16
C GLN A 14 4.54 6.68 3.68
N GLU A 15 4.86 7.79 4.30
CA GLU A 15 3.76 8.66 4.80
C GLU A 15 2.71 8.84 3.71
N GLY A 16 3.13 9.22 2.54
CA GLY A 16 2.15 9.38 1.43
C GLY A 16 1.29 8.13 1.38
N LEU A 17 1.85 7.01 1.74
CA LEU A 17 1.07 5.76 1.76
C LEU A 17 0.22 5.76 3.03
N ARG A 18 0.77 6.25 4.11
CA ARG A 18 0.00 6.32 5.37
C ARG A 18 -1.20 7.20 5.13
N GLU A 19 -1.05 8.10 4.21
CA GLU A 19 -2.15 9.02 3.86
C GLU A 19 -3.02 8.35 2.81
N TYR A 20 -2.48 7.36 2.15
CA TYR A 20 -3.26 6.67 1.10
C TYR A 20 -4.25 5.67 1.71
N PHE A 21 -3.88 5.05 2.79
CA PHE A 21 -4.80 4.06 3.43
C PHE A 21 -5.30 4.64 4.75
N GLY A 22 -4.58 5.56 5.31
CA GLY A 22 -5.03 6.18 6.59
C GLY A 22 -6.15 7.18 6.27
N GLN A 23 -6.44 7.36 5.01
CA GLN A 23 -7.50 8.32 4.62
C GLN A 23 -8.88 7.74 4.93
N PHE A 24 -9.13 6.53 4.49
CA PHE A 24 -10.45 5.90 4.76
C PHE A 24 -10.32 4.88 5.89
N GLY A 25 -9.23 4.88 6.60
CA GLY A 25 -9.05 3.91 7.72
C GLY A 25 -8.16 4.52 8.80
N GLU A 26 -6.98 3.99 8.97
CA GLU A 26 -6.06 4.53 9.99
C GLU A 26 -4.79 3.67 10.02
N VAL A 27 -3.72 4.18 9.47
CA VAL A 27 -2.45 3.39 9.45
C VAL A 27 -1.60 3.68 10.69
N LYS A 28 -1.03 2.65 11.27
CA LYS A 28 -0.17 2.86 12.47
C LYS A 28 1.30 2.80 12.05
N GLU A 29 1.58 2.10 10.99
CA GLU A 29 2.99 2.00 10.51
C GLU A 29 3.02 1.41 9.10
N CYS A 30 4.05 1.70 8.34
CA CYS A 30 4.11 1.15 6.95
C CYS A 30 5.56 0.92 6.53
N LEU A 31 5.77 0.36 5.38
CA LEU A 31 7.16 0.10 4.89
C LEU A 31 7.20 0.15 3.37
N VAL A 32 8.14 0.85 2.79
CA VAL A 32 8.19 0.91 1.30
C VAL A 32 9.58 0.59 0.78
N MET A 33 9.65 -0.03 -0.37
CA MET A 33 10.97 -0.38 -0.96
C MET A 33 10.88 -0.30 -2.49
N ARG A 34 11.94 0.08 -3.14
CA ARG A 34 11.90 0.20 -4.61
C ARG A 34 12.91 -0.76 -5.26
N ASP A 35 14.17 -0.44 -5.22
CA ASP A 35 15.18 -1.33 -5.85
C ASP A 35 16.46 -1.38 -5.00
N PRO A 36 16.40 -2.10 -3.91
CA PRO A 36 17.58 -2.23 -3.01
C PRO A 36 18.79 -2.74 -3.78
N LEU A 37 18.63 -3.79 -4.54
CA LEU A 37 19.78 -4.33 -5.30
C LEU A 37 19.44 -4.40 -6.80
N THR A 38 18.55 -5.29 -7.17
CA THR A 38 18.17 -5.40 -8.61
C THR A 38 17.22 -6.59 -8.81
N LYS A 39 17.59 -7.74 -8.32
CA LYS A 39 16.72 -8.94 -8.47
C LYS A 39 15.55 -8.87 -7.50
N ARG A 40 15.44 -7.80 -6.76
CA ARG A 40 14.32 -7.67 -5.78
C ARG A 40 12.97 -7.73 -6.50
N SER A 41 11.94 -7.20 -5.89
CA SER A 41 10.60 -7.22 -6.52
C SER A 41 10.48 -6.11 -7.59
N ARG A 42 9.57 -5.20 -7.44
CA ARG A 42 9.43 -4.11 -8.45
C ARG A 42 8.92 -2.83 -7.81
N GLY A 43 8.91 -2.76 -6.51
CA GLY A 43 8.42 -1.52 -5.83
C GLY A 43 7.10 -1.81 -5.12
N PHE A 44 7.14 -2.00 -3.83
CA PHE A 44 5.87 -2.28 -3.10
C PHE A 44 5.86 -1.55 -1.76
N GLY A 45 4.93 -1.88 -0.92
CA GLY A 45 4.86 -1.20 0.41
C GLY A 45 4.14 -2.09 1.41
N PHE A 46 4.00 -1.64 2.62
CA PHE A 46 3.32 -2.44 3.66
C PHE A 46 2.63 -1.50 4.63
N VAL A 47 1.51 -1.88 5.18
CA VAL A 47 0.80 -0.96 6.10
C VAL A 47 0.04 -1.72 7.19
N THR A 48 0.54 -1.70 8.40
CA THR A 48 -0.15 -2.42 9.49
C THR A 48 -1.29 -1.56 10.05
N PHE A 49 -2.20 -1.15 9.22
CA PHE A 49 -3.33 -0.30 9.69
C PHE A 49 -4.47 -1.17 10.24
N MET A 50 -5.69 -0.77 10.03
CA MET A 50 -6.84 -1.58 10.55
C MET A 50 -7.11 -2.76 9.61
N ASP A 51 -7.92 -3.69 10.03
CA ASP A 51 -8.21 -4.87 9.16
C ASP A 51 -9.72 -5.14 9.13
N GLN A 52 -10.50 -4.38 9.85
CA GLN A 52 -11.97 -4.61 9.85
C GLN A 52 -12.61 -3.87 8.67
N ALA A 53 -13.06 -2.66 8.88
CA ALA A 53 -13.69 -1.89 7.76
C ALA A 53 -12.60 -1.43 6.79
N GLY A 54 -11.38 -1.35 7.26
CA GLY A 54 -10.27 -0.91 6.37
C GLY A 54 -10.16 -1.86 5.17
N VAL A 55 -10.02 -3.13 5.42
CA VAL A 55 -9.90 -4.10 4.30
C VAL A 55 -10.96 -3.80 3.22
N ASP A 56 -12.15 -3.43 3.63
CA ASP A 56 -13.22 -3.13 2.64
C ASP A 56 -12.85 -1.88 1.83
N LYS A 57 -12.93 -0.73 2.44
CA LYS A 57 -12.58 0.51 1.69
C LYS A 57 -11.29 0.30 0.92
N VAL A 58 -10.32 -0.32 1.54
CA VAL A 58 -9.04 -0.59 0.83
C VAL A 58 -9.33 -1.31 -0.48
N LEU A 59 -10.02 -2.43 -0.39
CA LEU A 59 -10.37 -3.19 -1.62
C LEU A 59 -10.78 -2.22 -2.73
N ALA A 60 -11.63 -1.28 -2.42
CA ALA A 60 -12.05 -0.31 -3.45
C ALA A 60 -10.83 0.15 -4.26
N GLN A 61 -9.67 0.11 -3.68
CA GLN A 61 -8.44 0.54 -4.41
C GLN A 61 -7.65 -0.69 -4.85
N SER A 62 -8.31 -1.79 -5.00
CA SER A 62 -7.61 -3.01 -5.46
C SER A 62 -6.95 -2.73 -6.81
N ARG A 63 -7.31 -1.64 -7.44
CA ARG A 63 -6.70 -1.30 -8.74
C ARG A 63 -5.62 -0.25 -8.54
N HIS A 64 -5.63 0.40 -7.40
CA HIS A 64 -4.61 1.45 -7.10
C HIS A 64 -4.13 2.17 -8.35
N GLU A 65 -4.95 2.34 -9.35
CA GLU A 65 -4.46 3.06 -10.55
C GLU A 65 -4.46 4.55 -10.26
N LEU A 66 -3.31 5.15 -10.39
CA LEU A 66 -3.19 6.60 -10.10
C LEU A 66 -2.19 7.23 -11.06
N ASP A 67 -0.93 7.09 -10.76
CA ASP A 67 0.11 7.65 -11.66
C ASP A 67 0.43 6.61 -12.73
N SER A 68 -0.59 6.10 -13.39
CA SER A 68 -0.36 5.05 -14.42
C SER A 68 0.07 3.75 -13.74
N LYS A 69 0.02 3.73 -12.43
CA LYS A 69 0.41 2.53 -11.66
C LYS A 69 -0.82 1.87 -11.06
N THR A 70 -1.07 0.63 -11.40
CA THR A 70 -2.25 -0.08 -10.83
C THR A 70 -1.79 -1.00 -9.69
N ILE A 71 -1.34 -0.42 -8.61
CA ILE A 71 -0.87 -1.26 -7.46
C ILE A 71 -1.93 -2.31 -7.13
N ASP A 72 -1.69 -3.12 -6.14
CA ASP A 72 -2.67 -4.17 -5.79
C ASP A 72 -2.76 -4.32 -4.27
N PRO A 73 -3.47 -3.43 -3.65
CA PRO A 73 -3.62 -3.49 -2.18
C PRO A 73 -4.08 -4.89 -1.75
N LYS A 74 -3.25 -5.60 -1.06
CA LYS A 74 -3.65 -6.96 -0.60
C LYS A 74 -3.24 -7.16 0.86
N VAL A 75 -4.21 -7.28 1.73
CA VAL A 75 -3.89 -7.47 3.17
C VAL A 75 -3.93 -8.95 3.53
N ALA A 76 -3.54 -9.29 4.73
CA ALA A 76 -3.56 -10.72 5.14
C ALA A 76 -2.91 -11.59 4.05
N PHE A 77 -3.14 -12.89 4.10
CA PHE A 77 -2.55 -13.79 3.08
C PHE A 77 -3.58 -14.83 2.62
N CYS A 1 -0.44 -10.28 9.64
CA CYS A 1 -1.37 -9.40 10.39
C CYS A 1 -1.47 -8.03 9.73
N LYS A 2 -0.35 -7.43 9.40
CA LYS A 2 -0.38 -6.10 8.75
C LYS A 2 -0.76 -6.23 7.27
N MET A 3 -1.32 -5.20 6.69
CA MET A 3 -1.70 -5.28 5.26
C MET A 3 -0.44 -5.15 4.39
N PHE A 4 -0.58 -5.32 3.11
CA PHE A 4 0.61 -5.21 2.23
C PHE A 4 0.19 -4.72 0.85
N ILE A 5 0.95 -3.84 0.26
CA ILE A 5 0.61 -3.31 -1.09
C ILE A 5 1.56 -3.92 -2.11
N GLY A 6 1.15 -4.05 -3.35
CA GLY A 6 2.07 -4.69 -4.36
C GLY A 6 2.26 -3.80 -5.59
N GLY A 7 3.47 -3.75 -6.08
CA GLY A 7 3.76 -2.93 -7.29
C GLY A 7 3.34 -1.49 -7.05
N LEU A 8 3.65 -0.97 -5.89
CA LEU A 8 3.25 0.42 -5.59
C LEU A 8 4.15 1.42 -6.32
N SER A 9 3.59 2.50 -6.78
CA SER A 9 4.39 3.51 -7.53
C SER A 9 5.77 3.69 -6.88
N TRP A 10 6.81 3.68 -7.66
CA TRP A 10 8.17 3.84 -7.10
C TRP A 10 8.39 5.27 -6.61
N GLN A 11 7.59 6.20 -7.05
CA GLN A 11 7.77 7.61 -6.62
C GLN A 11 6.98 7.88 -5.34
N THR A 12 6.03 7.05 -5.04
CA THR A 12 5.22 7.26 -3.82
C THR A 12 6.13 7.35 -2.60
N THR A 13 5.56 7.40 -1.43
CA THR A 13 6.40 7.48 -0.20
C THR A 13 5.71 6.76 0.95
N GLN A 14 6.24 6.87 2.14
CA GLN A 14 5.59 6.17 3.29
C GLN A 14 4.37 6.95 3.76
N GLU A 15 4.56 8.05 4.44
CA GLU A 15 3.38 8.81 4.92
C GLU A 15 2.38 8.99 3.80
N GLY A 16 2.84 9.28 2.62
CA GLY A 16 1.88 9.43 1.50
C GLY A 16 1.09 8.12 1.39
N LEU A 17 1.69 7.03 1.77
CA LEU A 17 0.97 5.76 1.72
C LEU A 17 0.12 5.67 3.00
N ARG A 18 0.65 6.11 4.10
CA ARG A 18 -0.14 6.09 5.36
C ARG A 18 -1.35 6.96 5.18
N GLU A 19 -1.21 7.91 4.31
CA GLU A 19 -2.33 8.84 4.02
C GLU A 19 -3.21 8.25 2.92
N TYR A 20 -2.68 7.31 2.17
CA TYR A 20 -3.50 6.70 1.08
C TYR A 20 -4.46 5.66 1.66
N PHE A 21 -4.07 5.03 2.74
CA PHE A 21 -4.95 4.01 3.36
C PHE A 21 -5.49 4.56 4.68
N GLY A 22 -4.78 5.48 5.28
CA GLY A 22 -5.26 6.07 6.55
C GLY A 22 -6.47 6.95 6.25
N GLN A 23 -6.76 7.16 4.99
CA GLN A 23 -7.94 7.99 4.63
C GLN A 23 -9.23 7.33 5.11
N PHE A 24 -9.39 6.07 4.83
CA PHE A 24 -10.61 5.36 5.29
C PHE A 24 -10.24 4.28 6.30
N GLY A 25 -9.02 4.32 6.80
CA GLY A 25 -8.59 3.31 7.80
C GLY A 25 -7.67 3.97 8.84
N GLU A 26 -6.44 3.55 8.91
CA GLU A 26 -5.50 4.15 9.88
C GLU A 26 -4.14 3.43 9.82
N VAL A 27 -3.16 4.03 9.20
CA VAL A 27 -1.84 3.37 9.10
C VAL A 27 -0.96 3.74 10.30
N LYS A 28 -0.43 2.75 10.97
CA LYS A 28 0.45 3.04 12.15
C LYS A 28 1.91 2.76 11.77
N GLU A 29 2.14 1.89 10.84
CA GLU A 29 3.53 1.57 10.42
C GLU A 29 3.51 0.96 9.01
N CYS A 30 4.34 1.43 8.13
CA CYS A 30 4.33 0.87 6.74
C CYS A 30 5.73 0.97 6.10
N LEU A 31 6.01 0.10 5.15
CA LEU A 31 7.33 0.15 4.47
C LEU A 31 7.11 0.26 2.96
N VAL A 32 7.70 1.24 2.32
CA VAL A 32 7.49 1.40 0.85
C VAL A 32 8.52 0.62 0.03
N MET A 33 8.28 0.54 -1.25
CA MET A 33 9.21 -0.16 -2.17
C MET A 33 9.80 -1.41 -1.54
N ARG A 34 10.94 -1.81 -2.01
CA ARG A 34 11.61 -3.02 -1.47
C ARG A 34 13.13 -2.89 -1.59
N ASP A 35 13.84 -3.03 -0.51
CA ASP A 35 15.33 -2.92 -0.57
C ASP A 35 15.87 -3.69 -1.79
N PRO A 36 16.24 -2.96 -2.81
CA PRO A 36 16.77 -3.60 -4.04
C PRO A 36 18.05 -4.38 -3.73
N LEU A 37 17.93 -5.66 -3.51
CA LEU A 37 19.14 -6.48 -3.20
C LEU A 37 19.74 -7.03 -4.50
N THR A 38 18.93 -7.61 -5.34
CA THR A 38 19.44 -8.16 -6.62
C THR A 38 18.30 -8.81 -7.41
N LYS A 39 17.32 -9.35 -6.72
CA LYS A 39 16.18 -9.98 -7.42
C LYS A 39 14.93 -9.96 -6.53
N ARG A 40 14.92 -9.13 -5.52
CA ARG A 40 13.74 -9.06 -4.62
C ARG A 40 12.48 -8.71 -5.42
N SER A 41 11.47 -8.22 -4.76
CA SER A 41 10.21 -7.86 -5.46
C SER A 41 10.44 -6.73 -6.47
N ARG A 42 9.60 -5.73 -6.46
CA ARG A 42 9.78 -4.60 -7.41
C ARG A 42 9.23 -3.30 -6.81
N GLY A 43 9.25 -3.18 -5.51
CA GLY A 43 8.75 -1.93 -4.87
C GLY A 43 7.29 -2.15 -4.43
N PHE A 44 7.07 -2.24 -3.15
CA PHE A 44 5.67 -2.43 -2.66
C PHE A 44 5.42 -1.54 -1.45
N GLY A 45 4.27 -1.63 -0.84
CA GLY A 45 3.99 -0.76 0.33
C GLY A 45 3.35 -1.57 1.45
N PHE A 46 4.12 -1.94 2.44
CA PHE A 46 3.55 -2.72 3.57
C PHE A 46 2.88 -1.75 4.54
N VAL A 47 1.72 -2.06 5.01
CA VAL A 47 1.03 -1.11 5.92
C VAL A 47 0.21 -1.84 6.99
N THR A 48 0.68 -1.85 8.20
CA THR A 48 -0.06 -2.53 9.29
C THR A 48 -1.16 -1.60 9.82
N PHE A 49 -1.91 -1.00 8.94
CA PHE A 49 -2.99 -0.06 9.38
C PHE A 49 -4.17 -0.85 9.97
N MET A 50 -3.95 -1.61 10.99
CA MET A 50 -5.06 -2.40 11.59
C MET A 50 -6.32 -1.54 11.69
N ASP A 51 -7.40 -1.98 11.09
CA ASP A 51 -8.66 -1.20 11.15
C ASP A 51 -9.87 -2.13 11.05
N GLN A 52 -11.02 -1.60 10.76
CA GLN A 52 -12.23 -2.46 10.65
C GLN A 52 -12.84 -2.36 9.25
N ALA A 53 -13.71 -1.41 9.03
CA ALA A 53 -14.33 -1.25 7.68
C ALA A 53 -13.28 -0.73 6.69
N GLY A 54 -12.26 -0.08 7.18
CA GLY A 54 -11.21 0.44 6.27
C GLY A 54 -10.75 -0.69 5.32
N VAL A 55 -10.55 -1.87 5.85
CA VAL A 55 -10.11 -2.99 4.97
C VAL A 55 -10.99 -3.05 3.72
N ASP A 56 -12.28 -3.06 3.87
CA ASP A 56 -13.17 -3.09 2.69
C ASP A 56 -12.82 -1.94 1.74
N LYS A 57 -12.73 -0.76 2.27
CA LYS A 57 -12.39 0.41 1.41
C LYS A 57 -11.06 0.16 0.69
N VAL A 58 -10.14 -0.51 1.34
CA VAL A 58 -8.84 -0.79 0.68
C VAL A 58 -9.08 -1.60 -0.59
N LEU A 59 -9.72 -2.74 -0.48
CA LEU A 59 -9.99 -3.55 -1.70
C LEU A 59 -10.51 -2.63 -2.80
N ALA A 60 -11.36 -1.70 -2.47
CA ALA A 60 -11.87 -0.76 -3.50
C ALA A 60 -10.70 -0.25 -4.34
N GLN A 61 -9.53 -0.20 -3.77
CA GLN A 61 -8.34 0.28 -4.52
C GLN A 61 -7.50 -0.92 -4.96
N SER A 62 -8.11 -2.04 -5.09
CA SER A 62 -7.37 -3.24 -5.54
C SER A 62 -6.71 -2.92 -6.89
N ARG A 63 -7.15 -1.88 -7.54
CA ARG A 63 -6.56 -1.48 -8.83
C ARG A 63 -5.53 -0.38 -8.62
N HIS A 64 -5.47 0.16 -7.42
CA HIS A 64 -4.50 1.25 -7.07
C HIS A 64 -3.95 1.96 -8.30
N GLU A 65 -4.78 2.38 -9.20
CA GLU A 65 -4.23 3.10 -10.39
C GLU A 65 -4.23 4.60 -10.10
N LEU A 66 -3.10 5.21 -10.24
CA LEU A 66 -3.01 6.66 -9.96
C LEU A 66 -2.00 7.31 -10.92
N ASP A 67 -0.76 7.38 -10.55
CA ASP A 67 0.24 7.98 -11.45
C ASP A 67 0.65 6.92 -12.48
N SER A 68 -0.31 6.34 -13.15
CA SER A 68 0.00 5.28 -14.15
C SER A 68 0.45 4.00 -13.45
N LYS A 69 0.30 3.95 -12.15
CA LYS A 69 0.71 2.76 -11.39
C LYS A 69 -0.52 2.04 -10.84
N THR A 70 -0.72 0.81 -11.19
CA THR A 70 -1.91 0.06 -10.67
C THR A 70 -1.47 -0.87 -9.54
N ILE A 71 -1.10 -0.33 -8.43
CA ILE A 71 -0.66 -1.20 -7.29
C ILE A 71 -1.70 -2.29 -7.04
N ASP A 72 -1.49 -3.12 -6.07
CA ASP A 72 -2.45 -4.20 -5.79
C ASP A 72 -2.59 -4.40 -4.28
N PRO A 73 -3.37 -3.57 -3.66
CA PRO A 73 -3.56 -3.65 -2.20
C PRO A 73 -3.99 -5.06 -1.79
N LYS A 74 -3.15 -5.75 -1.08
CA LYS A 74 -3.52 -7.11 -0.60
C LYS A 74 -3.26 -7.18 0.90
N VAL A 75 -4.31 -7.14 1.66
CA VAL A 75 -4.16 -7.19 3.14
C VAL A 75 -4.35 -8.62 3.65
N ALA A 76 -4.37 -8.82 4.94
CA ALA A 76 -4.56 -10.20 5.49
C ALA A 76 -3.30 -11.04 5.25
N PHE A 77 -3.12 -12.08 6.00
CA PHE A 77 -1.92 -12.95 5.82
C PHE A 77 -2.34 -14.33 5.30
N CYS A 1 1.91 -9.54 10.33
CA CYS A 1 0.71 -9.19 11.14
C CYS A 1 0.05 -7.92 10.58
N LYS A 2 0.00 -7.79 9.29
CA LYS A 2 -0.64 -6.59 8.69
C LYS A 2 -0.79 -6.76 7.17
N MET A 3 -1.34 -5.79 6.50
CA MET A 3 -1.53 -5.92 5.04
C MET A 3 -0.24 -5.52 4.30
N PHE A 4 -0.26 -5.59 3.00
CA PHE A 4 0.95 -5.22 2.21
C PHE A 4 0.51 -4.70 0.84
N ILE A 5 1.18 -3.72 0.31
CA ILE A 5 0.78 -3.18 -1.02
C ILE A 5 1.80 -3.64 -2.07
N GLY A 6 1.36 -3.91 -3.28
CA GLY A 6 2.31 -4.40 -4.32
C GLY A 6 2.13 -3.62 -5.63
N GLY A 7 3.18 -3.00 -6.10
CA GLY A 7 3.10 -2.24 -7.38
C GLY A 7 3.28 -0.75 -7.10
N LEU A 8 4.09 -0.42 -6.14
CA LEU A 8 4.32 1.02 -5.80
C LEU A 8 4.41 1.86 -7.08
N SER A 9 3.79 3.01 -7.07
CA SER A 9 3.84 3.88 -8.28
C SER A 9 5.29 4.18 -8.65
N TRP A 10 5.50 5.03 -9.62
CA TRP A 10 6.91 5.36 -10.02
C TRP A 10 7.53 6.34 -9.02
N GLN A 11 6.84 6.64 -7.95
CA GLN A 11 7.40 7.58 -6.95
C GLN A 11 6.67 7.46 -5.61
N THR A 12 5.93 6.39 -5.41
CA THR A 12 5.20 6.23 -4.13
C THR A 12 6.16 6.36 -2.95
N THR A 13 5.66 6.68 -1.79
CA THR A 13 6.56 6.82 -0.61
C THR A 13 5.82 6.41 0.67
N GLN A 14 6.49 6.45 1.80
CA GLN A 14 5.83 6.05 3.07
C GLN A 14 4.65 6.97 3.40
N GLU A 15 4.91 8.17 3.84
CA GLU A 15 3.77 9.06 4.17
C GLU A 15 2.77 9.08 3.03
N GLY A 16 3.24 9.02 1.82
CA GLY A 16 2.28 9.00 0.69
C GLY A 16 1.41 7.76 0.85
N LEU A 17 1.95 6.74 1.46
CA LEU A 17 1.16 5.53 1.68
C LEU A 17 0.28 5.78 2.92
N ARG A 18 0.83 6.38 3.93
CA ARG A 18 0.04 6.67 5.14
C ARG A 18 -1.11 7.58 4.74
N GLU A 19 -0.88 8.35 3.74
CA GLU A 19 -1.90 9.28 3.24
C GLU A 19 -2.80 8.55 2.24
N TYR A 20 -2.36 7.42 1.75
CA TYR A 20 -3.18 6.66 0.77
C TYR A 20 -4.17 5.75 1.49
N PHE A 21 -3.72 5.06 2.51
CA PHE A 21 -4.64 4.15 3.25
C PHE A 21 -5.09 4.84 4.54
N GLY A 22 -4.23 5.62 5.13
CA GLY A 22 -4.62 6.33 6.38
C GLY A 22 -5.82 7.22 6.09
N GLN A 23 -6.08 7.48 4.83
CA GLN A 23 -7.24 8.33 4.46
C GLN A 23 -8.54 7.66 4.93
N PHE A 24 -8.67 6.40 4.68
CA PHE A 24 -9.90 5.68 5.10
C PHE A 24 -9.54 4.55 6.07
N GLY A 25 -8.28 4.35 6.32
CA GLY A 25 -7.86 3.27 7.25
C GLY A 25 -6.73 3.78 8.16
N GLU A 26 -7.08 4.29 9.32
CA GLU A 26 -6.04 4.81 10.24
C GLU A 26 -4.81 3.89 10.23
N VAL A 27 -3.74 4.33 9.62
CA VAL A 27 -2.53 3.47 9.56
C VAL A 27 -1.62 3.74 10.77
N LYS A 28 -1.27 2.71 11.49
CA LYS A 28 -0.40 2.90 12.68
C LYS A 28 1.06 2.57 12.34
N GLU A 29 1.26 1.65 11.43
CA GLU A 29 2.65 1.28 11.04
C GLU A 29 2.68 0.80 9.59
N CYS A 30 3.65 1.24 8.83
CA CYS A 30 3.74 0.81 7.40
C CYS A 30 5.20 0.81 6.95
N LEU A 31 5.49 0.22 5.83
CA LEU A 31 6.91 0.21 5.36
C LEU A 31 6.96 0.16 3.82
N VAL A 32 7.66 1.07 3.21
CA VAL A 32 7.75 1.05 1.72
C VAL A 32 9.19 0.75 1.29
N MET A 33 9.36 -0.01 0.24
CA MET A 33 10.73 -0.34 -0.21
C MET A 33 10.78 -0.43 -1.75
N ARG A 34 11.86 0.01 -2.32
CA ARG A 34 12.01 -0.04 -3.79
C ARG A 34 13.49 -0.16 -4.17
N ASP A 35 13.80 -0.99 -5.12
CA ASP A 35 15.22 -1.15 -5.55
C ASP A 35 15.36 -2.34 -6.53
N PRO A 36 15.86 -2.06 -7.71
CA PRO A 36 16.02 -3.13 -8.72
C PRO A 36 16.95 -4.23 -8.23
N LEU A 37 16.53 -4.99 -7.26
CA LEU A 37 17.37 -6.08 -6.73
C LEU A 37 16.58 -7.39 -6.69
N THR A 38 15.54 -7.43 -5.89
CA THR A 38 14.72 -8.67 -5.80
C THR A 38 13.46 -8.43 -4.96
N LYS A 39 13.63 -7.96 -3.76
CA LYS A 39 12.45 -7.70 -2.89
C LYS A 39 11.91 -6.31 -3.17
N ARG A 40 12.81 -5.37 -3.31
CA ARG A 40 12.39 -3.96 -3.60
C ARG A 40 12.18 -3.84 -5.10
N SER A 41 12.91 -4.62 -5.82
CA SER A 41 12.80 -4.60 -7.31
C SER A 41 11.34 -4.45 -7.75
N ARG A 42 10.42 -4.89 -6.96
CA ARG A 42 8.99 -4.78 -7.35
C ARG A 42 8.37 -3.50 -6.79
N GLY A 43 9.01 -2.90 -5.83
CA GLY A 43 8.45 -1.66 -5.24
C GLY A 43 7.15 -2.00 -4.55
N PHE A 44 7.20 -2.31 -3.29
CA PHE A 44 5.95 -2.66 -2.57
C PHE A 44 5.87 -1.91 -1.24
N GLY A 45 5.03 -2.36 -0.34
CA GLY A 45 4.93 -1.66 0.96
C GLY A 45 4.16 -2.51 1.97
N PHE A 46 4.09 -2.05 3.19
CA PHE A 46 3.36 -2.80 4.26
C PHE A 46 2.51 -1.81 5.07
N VAL A 47 1.37 -2.22 5.53
CA VAL A 47 0.52 -1.29 6.31
C VAL A 47 -0.32 -2.05 7.34
N THR A 48 -0.53 -1.49 8.50
CA THR A 48 -1.33 -2.18 9.54
C THR A 48 -2.29 -1.19 10.21
N PHE A 49 -3.15 -0.57 9.47
CA PHE A 49 -4.09 0.40 10.09
C PHE A 49 -5.03 -0.31 11.08
N MET A 50 -5.94 0.41 11.67
CA MET A 50 -6.88 -0.23 12.64
C MET A 50 -8.31 0.25 12.40
N ASP A 51 -8.79 0.10 11.20
CA ASP A 51 -10.19 0.55 10.90
C ASP A 51 -11.09 -0.66 10.66
N GLN A 52 -12.32 -0.60 11.09
CA GLN A 52 -13.25 -1.74 10.90
C GLN A 52 -13.45 -2.02 9.40
N ALA A 53 -13.73 -0.99 8.63
CA ALA A 53 -13.92 -1.19 7.17
C ALA A 53 -12.59 -1.05 6.43
N GLY A 54 -11.50 -1.24 7.11
CA GLY A 54 -10.18 -1.12 6.45
C GLY A 54 -10.15 -1.97 5.19
N VAL A 55 -10.05 -3.27 5.34
CA VAL A 55 -10.02 -4.17 4.15
C VAL A 55 -11.11 -3.75 3.15
N ASP A 56 -12.22 -3.26 3.65
CA ASP A 56 -13.32 -2.85 2.72
C ASP A 56 -12.84 -1.71 1.82
N LYS A 57 -12.77 -0.51 2.33
CA LYS A 57 -12.31 0.64 1.50
C LYS A 57 -11.02 0.27 0.78
N VAL A 58 -10.10 -0.38 1.45
CA VAL A 58 -8.84 -0.78 0.79
C VAL A 58 -9.18 -1.58 -0.47
N LEU A 59 -9.95 -2.62 -0.32
CA LEU A 59 -10.35 -3.42 -1.51
C LEU A 59 -10.69 -2.51 -2.68
N ALA A 60 -11.56 -1.57 -2.46
CA ALA A 60 -11.93 -0.64 -3.55
C ALA A 60 -10.67 -0.16 -4.28
N GLN A 61 -9.57 -0.12 -3.57
CA GLN A 61 -8.29 0.31 -4.21
C GLN A 61 -7.47 -0.89 -4.64
N SER A 62 -8.12 -2.01 -4.80
CA SER A 62 -7.39 -3.22 -5.24
C SER A 62 -6.70 -2.93 -6.57
N ARG A 63 -7.03 -1.83 -7.20
CA ARG A 63 -6.38 -1.48 -8.48
C ARG A 63 -5.36 -0.36 -8.25
N HIS A 64 -5.37 0.23 -7.09
CA HIS A 64 -4.41 1.32 -6.76
C HIS A 64 -3.98 2.11 -8.00
N GLU A 65 -4.91 2.58 -8.78
CA GLU A 65 -4.50 3.37 -9.97
C GLU A 65 -4.41 4.83 -9.60
N LEU A 66 -3.30 5.43 -9.85
CA LEU A 66 -3.12 6.86 -9.50
C LEU A 66 -2.21 7.54 -10.53
N ASP A 67 -0.93 7.36 -10.41
CA ASP A 67 -0.01 7.95 -11.39
C ASP A 67 0.12 6.99 -12.56
N SER A 68 -1.01 6.55 -13.07
CA SER A 68 -1.00 5.59 -14.21
C SER A 68 -0.51 4.22 -13.72
N LYS A 69 -0.32 4.09 -12.43
CA LYS A 69 0.16 2.81 -11.86
C LYS A 69 -0.96 2.14 -11.08
N THR A 70 -1.27 0.90 -11.40
CA THR A 70 -2.34 0.19 -10.65
C THR A 70 -1.71 -0.73 -9.60
N ILE A 71 -1.23 -0.17 -8.53
CA ILE A 71 -0.60 -1.02 -7.47
C ILE A 71 -1.58 -2.15 -7.08
N ASP A 72 -1.25 -2.94 -6.09
CA ASP A 72 -2.16 -4.06 -5.73
C ASP A 72 -2.23 -4.27 -4.21
N PRO A 73 -3.09 -3.52 -3.57
CA PRO A 73 -3.26 -3.65 -2.11
C PRO A 73 -3.69 -5.07 -1.74
N LYS A 74 -2.86 -5.80 -1.05
CA LYS A 74 -3.27 -7.19 -0.64
C LYS A 74 -3.14 -7.32 0.87
N VAL A 75 -4.25 -7.38 1.55
CA VAL A 75 -4.23 -7.51 3.03
C VAL A 75 -4.37 -8.99 3.43
N ALA A 76 -4.17 -9.29 4.68
CA ALA A 76 -4.29 -10.70 5.13
C ALA A 76 -5.76 -11.05 5.40
N PHE A 77 -6.00 -11.99 6.28
CA PHE A 77 -7.41 -12.37 6.59
C PHE A 77 -7.65 -12.35 8.11
N CYS A 1 -0.25 -8.96 11.82
CA CYS A 1 -0.58 -9.36 10.42
C CYS A 1 -0.83 -8.11 9.57
N LYS A 2 0.17 -7.29 9.38
CA LYS A 2 -0.03 -6.05 8.56
C LYS A 2 -0.29 -6.44 7.11
N MET A 3 -0.93 -5.56 6.36
CA MET A 3 -1.21 -5.88 4.94
C MET A 3 -0.01 -5.49 4.06
N PHE A 4 -0.19 -5.52 2.77
CA PHE A 4 0.92 -5.14 1.86
C PHE A 4 0.35 -4.54 0.58
N ILE A 5 1.09 -3.69 -0.06
CA ILE A 5 0.60 -3.05 -1.31
C ILE A 5 1.46 -3.52 -2.49
N GLY A 6 0.84 -3.89 -3.58
CA GLY A 6 1.64 -4.39 -4.75
C GLY A 6 1.75 -3.31 -5.82
N GLY A 7 2.92 -3.14 -6.38
CA GLY A 7 3.12 -2.12 -7.45
C GLY A 7 2.77 -0.74 -6.89
N LEU A 8 3.14 -0.47 -5.68
CA LEU A 8 2.83 0.85 -5.07
C LEU A 8 3.49 1.97 -5.89
N SER A 9 2.94 3.15 -5.84
CA SER A 9 3.53 4.28 -6.61
C SER A 9 5.06 4.24 -6.54
N TRP A 10 5.72 4.43 -7.64
CA TRP A 10 7.21 4.38 -7.63
C TRP A 10 7.78 5.70 -7.08
N GLN A 11 6.97 6.71 -6.93
CA GLN A 11 7.46 8.00 -6.42
C GLN A 11 6.90 8.27 -5.03
N THR A 12 5.93 7.51 -4.63
CA THR A 12 5.32 7.72 -3.29
C THR A 12 6.36 7.53 -2.18
N THR A 13 5.91 7.43 -0.97
CA THR A 13 6.85 7.23 0.18
C THR A 13 6.10 6.60 1.34
N GLN A 14 6.71 6.58 2.50
CA GLN A 14 6.02 5.97 3.67
C GLN A 14 4.83 6.83 4.10
N GLU A 15 5.06 7.95 4.69
CA GLU A 15 3.92 8.80 5.09
C GLU A 15 2.94 8.93 3.94
N GLY A 16 3.42 9.19 2.77
CA GLY A 16 2.49 9.30 1.61
C GLY A 16 1.70 8.01 1.54
N LEU A 17 2.25 6.93 2.03
CA LEU A 17 1.50 5.66 2.02
C LEU A 17 0.62 5.65 3.26
N ARG A 18 1.08 6.27 4.32
CA ARG A 18 0.24 6.35 5.54
C ARG A 18 -0.97 7.19 5.22
N GLU A 19 -0.78 8.07 4.29
CA GLU A 19 -1.88 8.95 3.84
C GLU A 19 -2.60 8.28 2.67
N TYR A 20 -1.98 7.26 2.10
CA TYR A 20 -2.58 6.54 0.96
C TYR A 20 -3.61 5.53 1.47
N PHE A 21 -3.44 5.06 2.68
CA PHE A 21 -4.41 4.06 3.23
C PHE A 21 -5.02 4.60 4.52
N GLY A 22 -4.36 5.53 5.16
CA GLY A 22 -4.92 6.11 6.41
C GLY A 22 -6.02 7.11 6.05
N GLN A 23 -6.30 7.26 4.78
CA GLN A 23 -7.35 8.21 4.34
C GLN A 23 -8.73 7.66 4.71
N PHE A 24 -9.05 6.48 4.26
CA PHE A 24 -10.38 5.91 4.60
C PHE A 24 -10.29 5.03 5.85
N GLY A 25 -9.19 5.10 6.56
CA GLY A 25 -9.05 4.27 7.79
C GLY A 25 -8.07 4.93 8.75
N GLU A 26 -6.97 4.28 9.02
CA GLU A 26 -5.96 4.85 9.95
C GLU A 26 -4.78 3.90 10.06
N VAL A 27 -3.68 4.21 9.42
CA VAL A 27 -2.49 3.30 9.49
C VAL A 27 -1.59 3.65 10.66
N LYS A 28 -0.92 2.68 11.20
CA LYS A 28 0.00 2.92 12.35
C LYS A 28 1.45 2.80 11.88
N GLU A 29 1.74 1.86 11.04
CA GLU A 29 3.15 1.69 10.55
C GLU A 29 3.16 1.13 9.14
N CYS A 30 4.14 1.49 8.35
CA CYS A 30 4.21 0.97 6.95
C CYS A 30 5.67 0.91 6.48
N LEU A 31 5.94 0.19 5.42
CA LEU A 31 7.32 0.09 4.90
C LEU A 31 7.30 0.16 3.37
N VAL A 32 8.00 1.08 2.78
CA VAL A 32 8.01 1.18 1.30
C VAL A 32 9.37 0.85 0.72
N MET A 33 9.38 0.08 -0.34
CA MET A 33 10.66 -0.29 -0.99
C MET A 33 10.52 -0.12 -2.51
N ARG A 34 11.60 0.19 -3.18
CA ARG A 34 11.51 0.38 -4.65
C ARG A 34 12.82 -0.03 -5.32
N ASP A 35 12.73 -0.74 -6.40
CA ASP A 35 13.97 -1.19 -7.12
C ASP A 35 13.60 -1.85 -8.45
N PRO A 36 14.60 -2.24 -9.20
CA PRO A 36 14.37 -2.89 -10.51
C PRO A 36 13.57 -4.19 -10.31
N LEU A 37 13.10 -4.77 -11.39
CA LEU A 37 12.30 -6.02 -11.27
C LEU A 37 13.21 -7.25 -11.29
N THR A 38 14.15 -7.32 -12.21
CA THR A 38 15.07 -8.50 -12.30
C THR A 38 14.36 -9.77 -11.81
N LYS A 39 14.55 -10.13 -10.56
CA LYS A 39 13.89 -11.35 -10.02
C LYS A 39 13.37 -11.07 -8.61
N ARG A 40 13.44 -9.84 -8.18
CA ARG A 40 12.95 -9.48 -6.82
C ARG A 40 11.62 -8.72 -6.91
N SER A 41 11.24 -8.08 -5.84
CA SER A 41 9.96 -7.31 -5.85
C SER A 41 9.99 -6.27 -6.97
N ARG A 42 9.08 -5.34 -6.96
CA ARG A 42 9.07 -4.29 -8.02
C ARG A 42 8.49 -2.98 -7.48
N GLY A 43 8.64 -2.74 -6.21
CA GLY A 43 8.08 -1.48 -5.62
C GLY A 43 6.75 -1.78 -4.93
N PHE A 44 6.76 -1.83 -3.63
CA PHE A 44 5.48 -2.12 -2.90
C PHE A 44 5.41 -1.28 -1.62
N GLY A 45 4.53 -1.63 -0.72
CA GLY A 45 4.42 -0.85 0.53
C GLY A 45 3.67 -1.66 1.60
N PHE A 46 4.35 -2.02 2.65
CA PHE A 46 3.69 -2.80 3.73
C PHE A 46 2.95 -1.84 4.66
N VAL A 47 1.81 -2.22 5.15
CA VAL A 47 1.05 -1.29 6.03
C VAL A 47 0.22 -2.07 7.04
N THR A 48 0.53 -1.95 8.30
CA THR A 48 -0.25 -2.67 9.33
C THR A 48 -1.44 -1.83 9.78
N PHE A 49 -2.00 -1.05 8.88
CA PHE A 49 -3.16 -0.20 9.25
C PHE A 49 -4.38 -1.05 9.58
N MET A 50 -5.46 -0.44 9.98
CA MET A 50 -6.68 -1.23 10.32
C MET A 50 -7.76 -0.31 10.90
N ASP A 51 -8.95 -0.35 10.33
CA ASP A 51 -10.05 0.50 10.86
C ASP A 51 -11.39 -0.17 10.62
N GLN A 52 -11.49 -1.43 10.93
CA GLN A 52 -12.78 -2.16 10.71
C GLN A 52 -13.15 -2.17 9.23
N ALA A 53 -13.82 -1.15 8.76
CA ALA A 53 -14.21 -1.11 7.32
C ALA A 53 -12.98 -0.83 6.45
N GLY A 54 -11.84 -0.65 7.07
CA GLY A 54 -10.61 -0.37 6.27
C GLY A 54 -10.43 -1.45 5.20
N VAL A 55 -10.21 -2.67 5.61
CA VAL A 55 -10.03 -3.77 4.61
C VAL A 55 -11.10 -3.67 3.52
N ASP A 56 -12.26 -3.18 3.86
CA ASP A 56 -13.34 -3.07 2.83
C ASP A 56 -12.98 -2.01 1.79
N LYS A 57 -12.81 -0.79 2.20
CA LYS A 57 -12.46 0.28 1.23
C LYS A 57 -11.12 -0.03 0.55
N VAL A 58 -10.13 -0.41 1.30
CA VAL A 58 -8.82 -0.73 0.70
C VAL A 58 -9.04 -1.67 -0.49
N LEU A 59 -9.57 -2.85 -0.25
CA LEU A 59 -9.83 -3.79 -1.36
C LEU A 59 -10.40 -3.05 -2.56
N ALA A 60 -11.42 -2.27 -2.35
CA ALA A 60 -12.02 -1.51 -3.48
C ALA A 60 -10.90 -0.87 -4.31
N GLN A 61 -9.77 -0.63 -3.71
CA GLN A 61 -8.64 -0.01 -4.46
C GLN A 61 -7.63 -1.08 -4.86
N SER A 62 -8.05 -2.31 -4.88
CA SER A 62 -7.12 -3.39 -5.29
C SER A 62 -6.61 -3.09 -6.71
N ARG A 63 -7.24 -2.16 -7.38
CA ARG A 63 -6.81 -1.80 -8.75
C ARG A 63 -6.11 -0.43 -8.73
N HIS A 64 -5.81 0.07 -7.56
CA HIS A 64 -5.17 1.41 -7.41
C HIS A 64 -4.42 1.87 -8.66
N GLU A 65 -5.11 2.44 -9.60
CA GLU A 65 -4.42 2.95 -10.81
C GLU A 65 -4.32 4.47 -10.68
N LEU A 66 -3.14 5.01 -10.74
CA LEU A 66 -2.98 6.47 -10.60
C LEU A 66 -1.93 6.97 -11.57
N ASP A 67 -0.69 7.00 -11.16
CA ASP A 67 0.37 7.45 -12.08
C ASP A 67 0.69 6.31 -13.04
N SER A 68 -0.31 5.78 -13.70
CA SER A 68 -0.08 4.64 -14.64
C SER A 68 0.25 3.37 -13.83
N LYS A 69 0.10 3.43 -12.53
CA LYS A 69 0.41 2.26 -11.70
C LYS A 69 -0.86 1.67 -11.10
N THR A 70 -1.23 0.50 -11.47
CA THR A 70 -2.45 -0.12 -10.89
C THR A 70 -2.07 -0.93 -9.66
N ILE A 71 -1.67 -0.25 -8.61
CA ILE A 71 -1.25 -0.97 -7.37
C ILE A 71 -2.25 -2.07 -7.05
N ASP A 72 -1.98 -2.84 -6.04
CA ASP A 72 -2.90 -3.94 -5.68
C ASP A 72 -2.95 -4.14 -4.16
N PRO A 73 -3.67 -3.29 -3.48
CA PRO A 73 -3.79 -3.40 -2.02
C PRO A 73 -4.23 -4.82 -1.65
N LYS A 74 -3.38 -5.54 -0.98
CA LYS A 74 -3.76 -6.93 -0.57
C LYS A 74 -3.51 -7.14 0.91
N VAL A 75 -4.55 -7.10 1.68
CA VAL A 75 -4.41 -7.30 3.15
C VAL A 75 -4.72 -8.76 3.51
N ALA A 76 -4.31 -9.19 4.67
CA ALA A 76 -4.57 -10.60 5.08
C ALA A 76 -5.96 -10.73 5.71
N PHE A 77 -6.64 -11.82 5.45
CA PHE A 77 -8.00 -12.01 6.02
C PHE A 77 -8.53 -13.41 5.67
N CYS A 1 2.15 -9.56 10.40
CA CYS A 1 0.73 -9.46 10.85
C CYS A 1 0.12 -8.15 10.35
N LYS A 2 0.32 -7.81 9.12
CA LYS A 2 -0.25 -6.54 8.57
C LYS A 2 -0.58 -6.71 7.09
N MET A 3 -1.17 -5.70 6.49
CA MET A 3 -1.51 -5.80 5.05
C MET A 3 -0.32 -5.37 4.20
N PHE A 4 -0.44 -5.44 2.90
CA PHE A 4 0.69 -5.04 2.02
C PHE A 4 0.17 -4.52 0.67
N ILE A 5 0.93 -3.68 0.03
CA ILE A 5 0.51 -3.13 -1.29
C ILE A 5 1.47 -3.68 -2.35
N GLY A 6 0.98 -4.10 -3.49
CA GLY A 6 1.90 -4.71 -4.50
C GLY A 6 2.05 -3.84 -5.77
N GLY A 7 3.25 -3.77 -6.29
CA GLY A 7 3.50 -2.99 -7.53
C GLY A 7 3.12 -1.54 -7.28
N LEU A 8 3.55 -0.98 -6.19
CA LEU A 8 3.17 0.43 -5.88
C LEU A 8 4.03 1.42 -6.66
N SER A 9 3.45 2.53 -7.03
CA SER A 9 4.20 3.57 -7.81
C SER A 9 5.63 3.70 -7.29
N TRP A 10 6.51 4.23 -8.11
CA TRP A 10 7.92 4.40 -7.67
C TRP A 10 8.10 5.79 -7.06
N GLN A 11 7.26 6.72 -7.42
CA GLN A 11 7.37 8.10 -6.86
C GLN A 11 6.69 8.17 -5.50
N THR A 12 5.89 7.21 -5.20
CA THR A 12 5.17 7.20 -3.90
C THR A 12 6.15 7.31 -2.74
N THR A 13 5.66 7.20 -1.54
CA THR A 13 6.55 7.28 -0.35
C THR A 13 5.84 6.68 0.85
N GLN A 14 6.40 6.78 2.02
CA GLN A 14 5.75 6.19 3.21
C GLN A 14 4.52 6.99 3.60
N GLU A 15 4.68 8.14 4.20
CA GLU A 15 3.49 8.93 4.59
C GLU A 15 2.53 9.03 3.41
N GLY A 16 3.03 9.11 2.23
CA GLY A 16 2.12 9.18 1.07
C GLY A 16 1.27 7.91 1.07
N LEU A 17 1.82 6.84 1.56
CA LEU A 17 1.05 5.60 1.64
C LEU A 17 0.18 5.66 2.90
N ARG A 18 0.72 6.19 3.97
CA ARG A 18 -0.08 6.31 5.21
C ARG A 18 -1.26 7.21 4.93
N GLU A 19 -1.06 8.08 4.00
CA GLU A 19 -2.12 9.03 3.62
C GLU A 19 -3.05 8.37 2.59
N TYR A 20 -2.56 7.34 1.92
CA TYR A 20 -3.40 6.67 0.91
C TYR A 20 -4.35 5.66 1.57
N PHE A 21 -3.86 4.93 2.52
CA PHE A 21 -4.71 3.93 3.21
C PHE A 21 -5.17 4.51 4.55
N GLY A 22 -4.40 5.40 5.10
CA GLY A 22 -4.79 6.04 6.38
C GLY A 22 -6.01 6.91 6.13
N GLN A 23 -6.36 7.10 4.88
CA GLN A 23 -7.54 7.94 4.55
C GLN A 23 -8.82 7.29 5.08
N PHE A 24 -8.99 6.02 4.83
CA PHE A 24 -10.21 5.32 5.32
C PHE A 24 -9.84 4.35 6.46
N GLY A 25 -8.61 4.36 6.88
CA GLY A 25 -8.20 3.44 7.98
C GLY A 25 -6.88 3.92 8.58
N GLU A 26 -6.94 4.64 9.68
CA GLU A 26 -5.69 5.14 10.33
C GLU A 26 -4.58 4.08 10.26
N VAL A 27 -3.45 4.44 9.70
CA VAL A 27 -2.32 3.47 9.59
C VAL A 27 -1.42 3.54 10.82
N LYS A 28 -1.09 2.42 11.40
CA LYS A 28 -0.21 2.41 12.59
C LYS A 28 1.23 2.10 12.18
N GLU A 29 1.43 1.58 10.99
CA GLU A 29 2.81 1.27 10.55
C GLU A 29 2.85 0.93 9.05
N CYS A 30 3.87 1.34 8.36
CA CYS A 30 3.99 1.04 6.91
C CYS A 30 5.46 0.94 6.50
N LEU A 31 5.75 0.39 5.36
CA LEU A 31 7.17 0.29 4.93
C LEU A 31 7.29 0.34 3.39
N VAL A 32 8.13 1.19 2.87
CA VAL A 32 8.27 1.26 1.38
C VAL A 32 9.56 0.58 0.93
N MET A 33 9.50 -0.21 -0.11
CA MET A 33 10.71 -0.92 -0.58
C MET A 33 10.73 -0.95 -2.12
N ARG A 34 11.88 -1.11 -2.70
CA ARG A 34 11.97 -1.17 -4.18
C ARG A 34 12.74 -2.42 -4.62
N ASP A 35 12.04 -3.48 -4.93
CA ASP A 35 12.73 -4.73 -5.35
C ASP A 35 13.39 -4.56 -6.73
N PRO A 36 12.59 -4.24 -7.73
CA PRO A 36 13.10 -4.05 -9.11
C PRO A 36 14.20 -2.98 -9.13
N LEU A 37 14.52 -2.50 -10.31
CA LEU A 37 15.58 -1.47 -10.42
C LEU A 37 14.97 -0.07 -10.35
N THR A 38 14.20 0.31 -11.33
CA THR A 38 13.59 1.67 -11.32
C THR A 38 12.79 1.94 -12.60
N LYS A 39 13.11 1.27 -13.67
CA LYS A 39 12.37 1.51 -14.95
C LYS A 39 10.88 1.50 -14.68
N ARG A 40 10.44 0.64 -13.80
CA ARG A 40 9.00 0.56 -13.48
C ARG A 40 8.74 1.10 -12.07
N SER A 41 7.65 0.73 -11.46
CA SER A 41 7.36 1.23 -10.08
C SER A 41 8.55 0.97 -9.17
N ARG A 42 8.38 1.14 -7.89
CA ARG A 42 9.52 0.87 -6.97
C ARG A 42 9.48 -0.59 -6.54
N GLY A 43 8.32 -1.03 -6.13
CA GLY A 43 8.17 -2.45 -5.70
C GLY A 43 6.85 -2.58 -4.95
N PHE A 44 6.79 -2.07 -3.76
CA PHE A 44 5.52 -2.17 -2.98
C PHE A 44 5.60 -1.37 -1.68
N GLY A 45 4.59 -1.48 -0.87
CA GLY A 45 4.58 -0.74 0.42
C GLY A 45 3.77 -1.54 1.46
N PHE A 46 4.38 -1.85 2.57
CA PHE A 46 3.66 -2.63 3.61
C PHE A 46 2.84 -1.67 4.47
N VAL A 47 1.74 -2.13 4.99
CA VAL A 47 0.90 -1.25 5.84
C VAL A 47 0.22 -2.07 6.93
N THR A 48 -0.24 -1.43 7.97
CA THR A 48 -0.91 -2.20 9.06
C THR A 48 -1.98 -1.34 9.73
N PHE A 49 -2.72 -0.59 8.96
CA PHE A 49 -3.78 0.27 9.56
C PHE A 49 -4.88 -0.61 10.15
N MET A 50 -5.45 -0.22 11.25
CA MET A 50 -6.53 -1.04 11.87
C MET A 50 -7.84 -0.26 11.91
N ASP A 51 -8.80 -0.65 11.11
CA ASP A 51 -10.10 0.07 11.11
C ASP A 51 -11.25 -0.92 10.86
N GLN A 52 -12.45 -0.54 11.19
CA GLN A 52 -13.60 -1.45 10.95
C GLN A 52 -13.80 -1.70 9.45
N ALA A 53 -14.24 -0.71 8.73
CA ALA A 53 -14.45 -0.89 7.27
C ALA A 53 -13.18 -0.53 6.49
N GLY A 54 -12.13 -0.18 7.17
CA GLY A 54 -10.88 0.19 6.46
C GLY A 54 -10.53 -0.89 5.43
N VAL A 55 -10.39 -2.12 5.87
CA VAL A 55 -10.05 -3.22 4.92
C VAL A 55 -10.96 -3.15 3.69
N ASP A 56 -12.23 -2.93 3.89
CA ASP A 56 -13.16 -2.86 2.73
C ASP A 56 -12.75 -1.74 1.78
N LYS A 57 -12.32 -0.63 2.31
CA LYS A 57 -11.90 0.50 1.43
C LYS A 57 -10.58 0.15 0.75
N VAL A 58 -9.77 -0.66 1.36
CA VAL A 58 -8.48 -1.03 0.74
C VAL A 58 -8.75 -1.82 -0.55
N LEU A 59 -9.34 -2.98 -0.44
CA LEU A 59 -9.62 -3.77 -1.65
C LEU A 59 -10.28 -2.87 -2.69
N ALA A 60 -11.14 -1.97 -2.27
CA ALA A 60 -11.79 -1.06 -3.25
C ALA A 60 -10.72 -0.52 -4.19
N GLN A 61 -9.52 -0.39 -3.71
CA GLN A 61 -8.40 0.12 -4.55
C GLN A 61 -7.49 -1.02 -4.95
N SER A 62 -8.03 -2.20 -5.04
CA SER A 62 -7.21 -3.36 -5.46
C SER A 62 -6.51 -3.01 -6.77
N ARG A 63 -7.00 -2.02 -7.46
CA ARG A 63 -6.38 -1.62 -8.74
C ARG A 63 -5.38 -0.48 -8.48
N HIS A 64 -5.48 0.14 -7.33
CA HIS A 64 -4.56 1.25 -6.96
C HIS A 64 -4.06 2.01 -8.18
N GLU A 65 -4.92 2.36 -9.10
CA GLU A 65 -4.42 3.12 -10.28
C GLU A 65 -4.49 4.61 -10.00
N LEU A 66 -3.40 5.27 -10.14
CA LEU A 66 -3.37 6.73 -9.88
C LEU A 66 -2.36 7.41 -10.81
N ASP A 67 -1.11 7.41 -10.46
CA ASP A 67 -0.10 8.03 -11.34
C ASP A 67 0.30 7.02 -12.41
N SER A 68 -0.67 6.44 -13.07
CA SER A 68 -0.36 5.43 -14.13
C SER A 68 0.11 4.13 -13.48
N LYS A 69 0.04 4.05 -12.17
CA LYS A 69 0.48 2.83 -11.46
C LYS A 69 -0.73 2.12 -10.85
N THR A 70 -0.93 0.88 -11.21
CA THR A 70 -2.09 0.14 -10.65
C THR A 70 -1.63 -0.81 -9.54
N ILE A 71 -1.21 -0.26 -8.42
CA ILE A 71 -0.74 -1.14 -7.31
C ILE A 71 -1.80 -2.21 -7.02
N ASP A 72 -1.59 -3.03 -6.03
CA ASP A 72 -2.57 -4.09 -5.72
C ASP A 72 -2.68 -4.29 -4.21
N PRO A 73 -3.49 -3.50 -3.58
CA PRO A 73 -3.68 -3.61 -2.12
C PRO A 73 -4.10 -5.02 -1.73
N LYS A 74 -3.26 -5.72 -1.03
CA LYS A 74 -3.63 -7.10 -0.58
C LYS A 74 -3.41 -7.21 0.93
N VAL A 75 -4.47 -7.19 1.67
CA VAL A 75 -4.36 -7.30 3.15
C VAL A 75 -4.58 -8.74 3.61
N ALA A 76 -4.21 -9.05 4.82
CA ALA A 76 -4.41 -10.45 5.31
C ALA A 76 -5.83 -10.62 5.89
N PHE A 77 -6.73 -11.12 5.10
CA PHE A 77 -8.13 -11.30 5.58
C PHE A 77 -8.90 -12.23 4.63
N CYS A 1 2.92 -8.60 11.37
CA CYS A 1 1.50 -8.68 10.91
C CYS A 1 1.08 -7.38 10.24
N LYS A 2 1.02 -7.36 8.93
CA LYS A 2 0.63 -6.12 8.21
C LYS A 2 0.21 -6.45 6.77
N MET A 3 -0.62 -5.65 6.17
CA MET A 3 -1.04 -5.94 4.78
C MET A 3 0.12 -5.66 3.82
N PHE A 4 -0.10 -5.80 2.55
CA PHE A 4 1.03 -5.54 1.59
C PHE A 4 0.52 -4.99 0.26
N ILE A 5 0.94 -3.81 -0.09
CA ILE A 5 0.49 -3.22 -1.39
C ILE A 5 1.49 -3.60 -2.48
N GLY A 6 1.03 -3.91 -3.66
CA GLY A 6 1.96 -4.32 -4.75
C GLY A 6 1.89 -3.37 -5.95
N GLY A 7 2.98 -3.20 -6.65
CA GLY A 7 2.99 -2.29 -7.83
C GLY A 7 2.52 -0.91 -7.40
N LEU A 8 3.00 -0.44 -6.29
CA LEU A 8 2.58 0.89 -5.80
C LEU A 8 3.41 2.00 -6.45
N SER A 9 2.85 3.17 -6.58
CA SER A 9 3.59 4.30 -7.22
C SER A 9 5.04 4.31 -6.72
N TRP A 10 5.98 4.28 -7.63
CA TRP A 10 7.41 4.28 -7.22
C TRP A 10 7.78 5.64 -6.61
N GLN A 11 7.19 6.70 -7.10
CA GLN A 11 7.51 8.05 -6.57
C GLN A 11 6.89 8.26 -5.20
N THR A 12 6.00 7.42 -4.80
CA THR A 12 5.34 7.58 -3.48
C THR A 12 6.37 7.42 -2.35
N THR A 13 5.93 7.54 -1.13
CA THR A 13 6.88 7.40 0.01
C THR A 13 6.15 6.79 1.22
N GLN A 14 6.81 6.73 2.36
CA GLN A 14 6.16 6.14 3.55
C GLN A 14 4.98 7.01 4.00
N GLU A 15 5.22 8.14 4.59
CA GLU A 15 4.08 8.98 5.02
C GLU A 15 3.06 9.08 3.90
N GLY A 16 3.51 9.38 2.71
CA GLY A 16 2.55 9.46 1.60
C GLY A 16 1.74 8.17 1.56
N LEU A 17 2.31 7.09 2.03
CA LEU A 17 1.55 5.83 2.06
C LEU A 17 0.71 5.85 3.35
N ARG A 18 1.23 6.42 4.41
CA ARG A 18 0.44 6.52 5.65
C ARG A 18 -0.78 7.38 5.36
N GLU A 19 -0.63 8.25 4.41
CA GLU A 19 -1.73 9.14 4.00
C GLU A 19 -2.49 8.46 2.86
N TYR A 20 -1.90 7.45 2.27
CA TYR A 20 -2.55 6.71 1.16
C TYR A 20 -3.63 5.80 1.71
N PHE A 21 -3.46 5.35 2.92
CA PHE A 21 -4.48 4.46 3.54
C PHE A 21 -5.10 5.15 4.75
N GLY A 22 -4.36 6.05 5.36
CA GLY A 22 -4.92 6.77 6.54
C GLY A 22 -6.05 7.68 6.08
N GLN A 23 -6.22 7.83 4.79
CA GLN A 23 -7.30 8.70 4.27
C GLN A 23 -8.67 8.06 4.51
N PHE A 24 -8.84 6.83 4.11
CA PHE A 24 -10.16 6.16 4.30
C PHE A 24 -10.08 5.08 5.38
N GLY A 25 -8.90 4.80 5.87
CA GLY A 25 -8.77 3.75 6.92
C GLY A 25 -7.57 4.06 7.81
N GLU A 26 -7.81 4.26 9.08
CA GLU A 26 -6.68 4.56 9.99
C GLU A 26 -5.61 3.47 9.89
N VAL A 27 -4.37 3.85 9.78
CA VAL A 27 -3.30 2.82 9.66
C VAL A 27 -2.41 2.83 10.90
N LYS A 28 -1.81 1.71 11.23
CA LYS A 28 -0.93 1.65 12.42
C LYS A 28 0.53 1.83 12.00
N GLU A 29 0.86 1.42 10.81
CA GLU A 29 2.27 1.58 10.34
C GLU A 29 2.41 1.03 8.91
N CYS A 30 3.42 1.46 8.19
CA CYS A 30 3.59 0.95 6.79
C CYS A 30 5.08 0.84 6.43
N LEU A 31 5.38 0.25 5.31
CA LEU A 31 6.81 0.11 4.89
C LEU A 31 6.94 0.38 3.39
N VAL A 32 7.90 1.15 2.98
CA VAL A 32 8.01 1.45 1.50
C VAL A 32 9.41 1.10 0.98
N MET A 33 9.48 0.53 -0.19
CA MET A 33 10.81 0.18 -0.78
C MET A 33 10.78 0.42 -2.29
N ARG A 34 11.88 0.87 -2.83
CA ARG A 34 11.94 1.12 -4.30
C ARG A 34 13.39 0.93 -4.80
N ASP A 35 14.19 0.24 -4.05
CA ASP A 35 15.61 0.02 -4.48
C ASP A 35 15.86 -1.46 -4.78
N PRO A 36 15.47 -1.87 -5.97
CA PRO A 36 15.66 -3.28 -6.38
C PRO A 36 17.15 -3.63 -6.42
N LEU A 37 17.60 -4.49 -5.54
CA LEU A 37 19.02 -4.88 -5.53
C LEU A 37 19.24 -6.09 -6.43
N THR A 38 18.22 -6.87 -6.63
CA THR A 38 18.36 -8.07 -7.51
C THR A 38 17.16 -8.14 -8.47
N LYS A 39 16.52 -9.26 -8.58
CA LYS A 39 15.36 -9.37 -9.50
C LYS A 39 14.06 -9.56 -8.70
N ARG A 40 14.00 -9.00 -7.52
CA ARG A 40 12.77 -9.16 -6.69
C ARG A 40 11.88 -7.92 -6.83
N SER A 41 10.97 -7.72 -5.90
CA SER A 41 10.06 -6.54 -5.98
C SER A 41 10.84 -5.30 -6.45
N ARG A 42 10.15 -4.31 -6.95
CA ARG A 42 10.84 -3.07 -7.43
C ARG A 42 9.94 -1.86 -7.28
N GLY A 43 9.18 -1.77 -6.22
CA GLY A 43 8.28 -0.60 -6.03
C GLY A 43 6.99 -1.05 -5.35
N PHE A 44 7.00 -1.17 -4.05
CA PHE A 44 5.75 -1.59 -3.34
C PHE A 44 5.66 -0.89 -1.99
N GLY A 45 4.76 -1.33 -1.15
CA GLY A 45 4.62 -0.67 0.18
C GLY A 45 3.73 -1.51 1.09
N PHE A 46 4.23 -1.89 2.23
CA PHE A 46 3.42 -2.68 3.19
C PHE A 46 2.59 -1.73 4.05
N VAL A 47 1.47 -2.17 4.54
CA VAL A 47 0.63 -1.23 5.37
C VAL A 47 -0.19 -1.99 6.42
N THR A 48 0.21 -1.95 7.65
CA THR A 48 -0.56 -2.63 8.72
C THR A 48 -1.63 -1.68 9.25
N PHE A 49 -2.88 -2.10 9.24
CA PHE A 49 -3.95 -1.21 9.74
C PHE A 49 -4.26 -1.51 11.20
N MET A 50 -5.44 -1.18 11.66
CA MET A 50 -5.79 -1.46 13.08
C MET A 50 -7.27 -1.17 13.34
N ASP A 51 -8.11 -1.48 12.39
CA ASP A 51 -9.57 -1.22 12.58
C ASP A 51 -10.39 -2.28 11.83
N GLN A 52 -11.50 -1.91 11.26
CA GLN A 52 -12.33 -2.89 10.52
C GLN A 52 -12.68 -2.36 9.13
N ALA A 53 -13.69 -1.54 9.04
CA ALA A 53 -14.07 -0.98 7.71
C ALA A 53 -12.83 -0.51 6.95
N GLY A 54 -11.85 -0.04 7.66
CA GLY A 54 -10.59 0.43 6.98
C GLY A 54 -10.20 -0.58 5.92
N VAL A 55 -10.27 -1.85 6.22
CA VAL A 55 -9.90 -2.88 5.21
C VAL A 55 -10.85 -2.83 4.02
N ASP A 56 -12.13 -2.94 4.27
CA ASP A 56 -13.11 -2.90 3.15
C ASP A 56 -12.73 -1.81 2.15
N LYS A 57 -12.30 -0.68 2.64
CA LYS A 57 -11.92 0.43 1.72
C LYS A 57 -10.59 0.10 1.04
N VAL A 58 -9.61 -0.34 1.77
CA VAL A 58 -8.31 -0.68 1.16
C VAL A 58 -8.53 -1.65 -0.01
N LEU A 59 -8.93 -2.86 0.26
CA LEU A 59 -9.17 -3.82 -0.85
C LEU A 59 -9.97 -3.13 -1.96
N ALA A 60 -10.91 -2.30 -1.60
CA ALA A 60 -11.69 -1.59 -2.64
C ALA A 60 -10.72 -0.96 -3.64
N GLN A 61 -9.51 -0.72 -3.21
CA GLN A 61 -8.50 -0.11 -4.12
C GLN A 61 -7.49 -1.17 -4.54
N SER A 62 -7.91 -2.40 -4.58
CA SER A 62 -6.99 -3.48 -5.01
C SER A 62 -6.55 -3.21 -6.45
N ARG A 63 -7.18 -2.27 -7.11
CA ARG A 63 -6.82 -1.94 -8.51
C ARG A 63 -6.11 -0.59 -8.56
N HIS A 64 -5.76 -0.07 -7.40
CA HIS A 64 -5.08 1.27 -7.32
C HIS A 64 -4.36 1.67 -8.60
N GLU A 65 -5.05 2.26 -9.53
CA GLU A 65 -4.39 2.73 -10.77
C GLU A 65 -4.29 4.25 -10.71
N LEU A 66 -3.11 4.78 -10.78
CA LEU A 66 -2.95 6.25 -10.72
C LEU A 66 -1.84 6.70 -11.66
N ASP A 67 -0.66 6.91 -11.18
CA ASP A 67 0.45 7.32 -12.06
C ASP A 67 0.82 6.15 -12.95
N SER A 68 -0.13 5.59 -13.67
CA SER A 68 0.16 4.43 -14.54
C SER A 68 0.44 3.18 -13.70
N LYS A 69 0.22 3.27 -12.42
CA LYS A 69 0.49 2.11 -11.53
C LYS A 69 -0.81 1.53 -10.99
N THR A 70 -1.17 0.36 -11.41
CA THR A 70 -2.41 -0.28 -10.90
C THR A 70 -2.04 -1.08 -9.65
N ILE A 71 -1.57 -0.40 -8.63
CA ILE A 71 -1.16 -1.13 -7.38
C ILE A 71 -2.17 -2.21 -7.03
N ASP A 72 -1.86 -3.01 -6.05
CA ASP A 72 -2.78 -4.10 -5.66
C ASP A 72 -2.75 -4.30 -4.15
N PRO A 73 -3.41 -3.44 -3.43
CA PRO A 73 -3.46 -3.56 -1.96
C PRO A 73 -3.92 -4.96 -1.57
N LYS A 74 -3.07 -5.74 -0.97
CA LYS A 74 -3.51 -7.11 -0.56
C LYS A 74 -3.62 -7.20 0.96
N VAL A 75 -4.81 -7.22 1.44
CA VAL A 75 -5.03 -7.30 2.91
C VAL A 75 -5.32 -8.75 3.33
N ALA A 76 -4.64 -9.24 4.32
CA ALA A 76 -4.88 -10.63 4.78
C ALA A 76 -4.53 -10.79 6.26
N PHE A 77 -4.89 -11.90 6.84
CA PHE A 77 -4.58 -12.13 8.28
C PHE A 77 -3.66 -13.35 8.44
N CYS A 1 -1.28 -8.18 13.15
CA CYS A 1 -1.11 -8.43 11.69
C CYS A 1 -1.00 -7.10 10.94
N LYS A 2 -1.02 -7.15 9.63
CA LYS A 2 -0.91 -5.89 8.84
C LYS A 2 -1.24 -6.16 7.37
N MET A 3 -1.07 -5.19 6.52
CA MET A 3 -1.37 -5.41 5.07
C MET A 3 -0.13 -5.16 4.22
N PHE A 4 -0.26 -5.20 2.93
CA PHE A 4 0.91 -4.96 2.05
C PHE A 4 0.43 -4.34 0.72
N ILE A 5 1.20 -3.46 0.16
CA ILE A 5 0.78 -2.84 -1.13
C ILE A 5 1.66 -3.39 -2.27
N GLY A 6 1.05 -3.85 -3.33
CA GLY A 6 1.84 -4.43 -4.46
C GLY A 6 1.79 -3.53 -5.69
N GLY A 7 2.86 -3.47 -6.42
CA GLY A 7 2.90 -2.63 -7.65
C GLY A 7 2.62 -1.17 -7.28
N LEU A 8 3.09 -0.76 -6.13
CA LEU A 8 2.86 0.63 -5.70
C LEU A 8 3.76 1.58 -6.50
N SER A 9 3.29 2.77 -6.76
CA SER A 9 4.11 3.74 -7.53
C SER A 9 5.58 3.66 -7.10
N TRP A 10 6.48 3.60 -8.04
CA TRP A 10 7.93 3.51 -7.69
C TRP A 10 8.44 4.88 -7.23
N GLN A 11 7.58 5.86 -7.11
CA GLN A 11 8.02 7.20 -6.68
C GLN A 11 7.24 7.65 -5.44
N THR A 12 6.18 6.95 -5.13
CA THR A 12 5.35 7.33 -3.96
C THR A 12 6.22 7.42 -2.71
N THR A 13 5.61 7.52 -1.57
CA THR A 13 6.39 7.61 -0.30
C THR A 13 5.66 6.87 0.82
N GLN A 14 6.24 6.79 1.98
CA GLN A 14 5.57 6.06 3.09
C GLN A 14 4.39 6.86 3.63
N GLU A 15 4.63 7.93 4.34
CA GLU A 15 3.48 8.70 4.87
C GLU A 15 2.45 8.90 3.77
N GLY A 16 2.85 9.40 2.64
CA GLY A 16 1.89 9.58 1.53
C GLY A 16 1.10 8.29 1.39
N LEU A 17 1.71 7.18 1.67
CA LEU A 17 0.98 5.90 1.60
C LEU A 17 0.12 5.78 2.86
N ARG A 18 0.64 6.20 3.99
CA ARG A 18 -0.15 6.15 5.24
C ARG A 18 -1.39 7.02 5.05
N GLU A 19 -1.26 7.97 4.20
CA GLU A 19 -2.39 8.89 3.93
C GLU A 19 -3.28 8.25 2.87
N TYR A 20 -2.74 7.34 2.10
CA TYR A 20 -3.56 6.68 1.04
C TYR A 20 -4.46 5.60 1.64
N PHE A 21 -4.08 5.07 2.76
CA PHE A 21 -4.90 4.00 3.40
C PHE A 21 -5.44 4.53 4.73
N GLY A 22 -4.83 5.55 5.26
CA GLY A 22 -5.31 6.13 6.54
C GLY A 22 -6.54 7.00 6.25
N GLN A 23 -6.88 7.18 5.00
CA GLN A 23 -8.04 8.01 4.65
C GLN A 23 -9.34 7.34 5.11
N PHE A 24 -9.54 6.10 4.74
CA PHE A 24 -10.78 5.39 5.17
C PHE A 24 -10.48 4.49 6.36
N GLY A 25 -9.30 4.59 6.93
CA GLY A 25 -8.95 3.74 8.09
C GLY A 25 -7.92 4.44 8.96
N GLU A 26 -6.79 3.83 9.17
CA GLU A 26 -5.73 4.47 10.00
C GLU A 26 -4.44 3.63 9.92
N VAL A 27 -3.39 4.23 9.44
CA VAL A 27 -2.11 3.46 9.33
C VAL A 27 -1.23 3.65 10.57
N LYS A 28 -0.85 2.57 11.19
CA LYS A 28 0.02 2.67 12.39
C LYS A 28 1.49 2.68 11.97
N GLU A 29 1.80 2.02 10.89
CA GLU A 29 3.20 1.98 10.40
C GLU A 29 3.24 1.30 9.02
N CYS A 30 4.19 1.66 8.20
CA CYS A 30 4.27 1.03 6.84
C CYS A 30 5.73 0.95 6.38
N LEU A 31 5.97 0.22 5.32
CA LEU A 31 7.37 0.11 4.82
C LEU A 31 7.38 0.05 3.28
N VAL A 32 8.07 0.95 2.66
CA VAL A 32 8.13 0.96 1.16
C VAL A 32 9.48 0.45 0.68
N MET A 33 9.49 -0.38 -0.34
CA MET A 33 10.77 -0.92 -0.84
C MET A 33 10.80 -0.84 -2.37
N ARG A 34 11.97 -0.66 -2.93
CA ARG A 34 12.10 -0.58 -4.40
C ARG A 34 13.29 -1.43 -4.87
N ASP A 35 14.37 -1.40 -4.14
CA ASP A 35 15.56 -2.19 -4.53
C ASP A 35 15.15 -3.63 -4.84
N PRO A 36 15.92 -4.30 -5.67
CA PRO A 36 15.62 -5.69 -6.05
C PRO A 36 15.67 -6.61 -4.82
N LEU A 37 14.67 -7.45 -4.66
CA LEU A 37 14.66 -8.37 -3.50
C LEU A 37 15.35 -9.69 -3.86
N THR A 38 15.31 -10.06 -5.11
CA THR A 38 15.97 -11.33 -5.53
C THR A 38 16.88 -11.10 -6.74
N LYS A 39 16.46 -10.25 -7.64
CA LYS A 39 17.30 -9.97 -8.83
C LYS A 39 16.77 -8.75 -9.59
N ARG A 40 15.48 -8.52 -9.58
CA ARG A 40 14.92 -7.37 -10.30
C ARG A 40 14.08 -6.51 -9.33
N SER A 41 13.51 -5.46 -9.81
CA SER A 41 12.71 -4.56 -8.93
C SER A 41 11.23 -4.96 -8.91
N ARG A 42 10.52 -4.60 -7.89
CA ARG A 42 9.07 -4.95 -7.81
C ARG A 42 8.26 -3.67 -7.56
N GLY A 43 8.56 -2.99 -6.49
CA GLY A 43 7.83 -1.74 -6.18
C GLY A 43 6.65 -2.07 -5.28
N PHE A 44 6.88 -2.22 -4.01
CA PHE A 44 5.75 -2.54 -3.08
C PHE A 44 6.02 -1.96 -1.70
N GLY A 45 5.22 -2.33 -0.73
CA GLY A 45 5.44 -1.79 0.63
C GLY A 45 4.62 -2.58 1.65
N PHE A 46 4.42 -2.01 2.80
CA PHE A 46 3.64 -2.69 3.87
C PHE A 46 2.89 -1.64 4.67
N VAL A 47 1.70 -1.94 5.11
CA VAL A 47 0.93 -0.92 5.87
C VAL A 47 0.03 -1.58 6.91
N THR A 48 0.49 -1.66 8.14
CA THR A 48 -0.33 -2.30 9.21
C THR A 48 -1.37 -1.30 9.73
N PHE A 49 -2.22 -0.82 8.86
CA PHE A 49 -3.26 0.16 9.30
C PHE A 49 -4.45 -0.58 9.91
N MET A 50 -5.63 -0.03 9.76
CA MET A 50 -6.83 -0.70 10.34
C MET A 50 -7.03 -2.08 9.71
N ASP A 51 -7.81 -2.92 10.32
CA ASP A 51 -8.04 -4.28 9.76
C ASP A 51 -9.54 -4.58 9.71
N GLN A 52 -10.35 -3.65 10.14
CA GLN A 52 -11.83 -3.88 10.11
C GLN A 52 -12.44 -3.30 8.84
N ALA A 53 -13.06 -2.15 8.92
CA ALA A 53 -13.67 -1.55 7.70
C ALA A 53 -12.56 -1.13 6.71
N GLY A 54 -11.38 -0.90 7.20
CA GLY A 54 -10.27 -0.49 6.30
C GLY A 54 -10.11 -1.52 5.18
N VAL A 55 -9.74 -2.72 5.50
CA VAL A 55 -9.57 -3.77 4.45
C VAL A 55 -10.69 -3.67 3.41
N ASP A 56 -11.89 -3.48 3.85
CA ASP A 56 -13.03 -3.36 2.88
C ASP A 56 -12.80 -2.21 1.91
N LYS A 57 -13.02 -1.00 2.35
CA LYS A 57 -12.81 0.17 1.45
C LYS A 57 -11.45 0.07 0.77
N VAL A 58 -10.54 -0.67 1.35
CA VAL A 58 -9.21 -0.82 0.73
C VAL A 58 -9.30 -1.69 -0.52
N LEU A 59 -9.87 -2.86 -0.42
CA LEU A 59 -10.00 -3.70 -1.63
C LEU A 59 -10.64 -2.87 -2.73
N ALA A 60 -11.44 -1.90 -2.37
CA ALA A 60 -12.06 -1.02 -3.40
C ALA A 60 -10.93 -0.38 -4.21
N GLN A 61 -9.75 -0.35 -3.65
CA GLN A 61 -8.58 0.23 -4.36
C GLN A 61 -7.68 -0.88 -4.87
N SER A 62 -8.20 -2.08 -4.96
CA SER A 62 -7.37 -3.20 -5.46
C SER A 62 -6.79 -2.79 -6.82
N ARG A 63 -7.34 -1.77 -7.43
CA ARG A 63 -6.82 -1.31 -8.74
C ARG A 63 -5.99 -0.03 -8.53
N HIS A 64 -5.92 0.45 -7.31
CA HIS A 64 -5.15 1.68 -6.97
C HIS A 64 -5.04 2.62 -8.16
N GLU A 65 -4.08 2.39 -8.99
CA GLU A 65 -3.87 3.24 -10.19
C GLU A 65 -3.74 4.70 -9.81
N LEU A 66 -2.65 5.29 -10.17
CA LEU A 66 -2.42 6.73 -9.85
C LEU A 66 -1.55 7.33 -10.95
N ASP A 67 -0.26 7.33 -10.77
CA ASP A 67 0.61 7.88 -11.82
C ASP A 67 0.85 6.80 -12.88
N SER A 68 -0.24 6.27 -13.40
CA SER A 68 -0.12 5.18 -14.43
C SER A 68 0.22 3.85 -13.76
N LYS A 69 0.26 3.83 -12.46
CA LYS A 69 0.60 2.58 -11.73
C LYS A 69 -0.63 2.02 -11.01
N THR A 70 -1.09 0.87 -11.41
CA THR A 70 -2.27 0.24 -10.74
C THR A 70 -1.80 -0.64 -9.58
N ILE A 71 -1.44 -0.04 -8.48
CA ILE A 71 -0.96 -0.87 -7.33
C ILE A 71 -1.95 -2.00 -7.06
N ASP A 72 -1.68 -2.82 -6.09
CA ASP A 72 -2.60 -3.94 -5.78
C ASP A 72 -2.71 -4.12 -4.26
N PRO A 73 -3.51 -3.30 -3.64
CA PRO A 73 -3.70 -3.38 -2.18
C PRO A 73 -4.11 -4.80 -1.77
N LYS A 74 -3.26 -5.49 -1.08
CA LYS A 74 -3.61 -6.86 -0.62
C LYS A 74 -3.37 -6.96 0.88
N VAL A 75 -4.41 -6.91 1.64
CA VAL A 75 -4.29 -6.98 3.11
C VAL A 75 -4.52 -8.41 3.60
N ALA A 76 -4.26 -8.68 4.84
CA ALA A 76 -4.47 -10.06 5.38
C ALA A 76 -5.88 -10.55 5.06
N PHE A 77 -6.89 -9.93 5.61
CA PHE A 77 -8.29 -10.37 5.33
C PHE A 77 -8.55 -11.73 6.00
N CYS A 1 0.68 -8.79 12.24
CA CYS A 1 -0.50 -8.71 11.34
C CYS A 1 -0.61 -7.31 10.73
N LYS A 2 -0.63 -7.21 9.42
CA LYS A 2 -0.73 -5.86 8.79
C LYS A 2 -1.06 -6.01 7.29
N MET A 3 -1.57 -4.98 6.68
CA MET A 3 -1.90 -5.07 5.23
C MET A 3 -0.63 -4.98 4.39
N PHE A 4 -0.72 -5.37 3.14
CA PHE A 4 0.49 -5.31 2.26
C PHE A 4 0.07 -4.88 0.86
N ILE A 5 0.71 -3.89 0.30
CA ILE A 5 0.33 -3.45 -1.08
C ILE A 5 1.41 -3.90 -2.07
N GLY A 6 1.08 -4.05 -3.33
CA GLY A 6 2.11 -4.53 -4.31
C GLY A 6 2.02 -3.76 -5.64
N GLY A 7 3.14 -3.42 -6.20
CA GLY A 7 3.14 -2.69 -7.50
C GLY A 7 3.49 -1.23 -7.25
N LEU A 8 4.24 -0.99 -6.21
CA LEU A 8 4.65 0.40 -5.87
C LEU A 8 5.24 1.10 -7.10
N SER A 9 4.63 2.17 -7.53
CA SER A 9 5.16 2.91 -8.71
C SER A 9 6.59 3.39 -8.43
N TRP A 10 7.20 4.03 -9.38
CA TRP A 10 8.60 4.53 -9.18
C TRP A 10 8.57 5.89 -8.48
N GLN A 11 7.45 6.26 -7.91
CA GLN A 11 7.37 7.57 -7.23
C GLN A 11 6.48 7.48 -5.98
N THR A 12 6.07 6.31 -5.61
CA THR A 12 5.21 6.16 -4.41
C THR A 12 6.04 6.43 -3.15
N THR A 13 5.41 6.80 -2.07
CA THR A 13 6.17 7.06 -0.81
C THR A 13 5.58 6.25 0.34
N GLN A 14 6.17 6.35 1.50
CA GLN A 14 5.65 5.56 2.65
C GLN A 14 4.57 6.36 3.39
N GLU A 15 4.95 7.36 4.14
CA GLU A 15 3.90 8.12 4.85
C GLU A 15 2.82 8.51 3.86
N GLY A 16 3.19 9.08 2.75
CA GLY A 16 2.16 9.44 1.74
C GLY A 16 1.27 8.22 1.52
N LEU A 17 1.82 7.05 1.74
CA LEU A 17 1.00 5.83 1.57
C LEU A 17 0.17 5.65 2.85
N ARG A 18 0.71 6.06 3.96
CA ARG A 18 -0.04 5.97 5.22
C ARG A 18 -1.28 6.82 5.03
N GLU A 19 -1.09 7.87 4.30
CA GLU A 19 -2.20 8.80 4.00
C GLU A 19 -3.10 8.20 2.92
N TYR A 20 -2.56 7.33 2.11
CA TYR A 20 -3.38 6.71 1.03
C TYR A 20 -4.32 5.66 1.59
N PHE A 21 -3.99 5.09 2.71
CA PHE A 21 -4.87 4.05 3.31
C PHE A 21 -5.43 4.57 4.62
N GLY A 22 -4.82 5.59 5.15
CA GLY A 22 -5.33 6.17 6.43
C GLY A 22 -6.52 7.08 6.10
N GLN A 23 -6.79 7.27 4.83
CA GLN A 23 -7.93 8.13 4.43
C GLN A 23 -9.24 7.53 4.92
N PHE A 24 -9.41 6.24 4.74
CA PHE A 24 -10.67 5.59 5.20
C PHE A 24 -10.38 4.71 6.43
N GLY A 25 -9.17 4.69 6.89
CA GLY A 25 -8.85 3.85 8.08
C GLY A 25 -7.70 4.49 8.86
N GLU A 26 -7.31 3.87 9.95
CA GLU A 26 -6.20 4.43 10.77
C GLU A 26 -4.90 3.68 10.48
N VAL A 27 -3.89 4.37 10.03
CA VAL A 27 -2.60 3.68 9.73
C VAL A 27 -1.62 3.82 10.90
N LYS A 28 -1.17 2.72 11.45
CA LYS A 28 -0.22 2.78 12.59
C LYS A 28 1.22 2.83 12.06
N GLU A 29 1.49 2.12 11.00
CA GLU A 29 2.87 2.12 10.43
C GLU A 29 2.85 1.63 8.99
N CYS A 30 3.89 1.91 8.24
CA CYS A 30 3.94 1.46 6.83
C CYS A 30 5.40 1.22 6.41
N LEU A 31 5.62 0.57 5.30
CA LEU A 31 7.02 0.32 4.87
C LEU A 31 7.11 0.24 3.33
N VAL A 32 8.05 0.92 2.75
CA VAL A 32 8.17 0.87 1.26
C VAL A 32 9.56 0.36 0.85
N MET A 33 9.60 -0.58 -0.05
CA MET A 33 10.91 -1.12 -0.49
C MET A 33 10.98 -1.16 -2.02
N ARG A 34 12.16 -1.06 -2.57
CA ARG A 34 12.32 -1.10 -4.05
C ARG A 34 13.67 -1.70 -4.42
N ASP A 35 14.69 -1.43 -3.65
CA ASP A 35 16.04 -1.98 -3.97
C ASP A 35 16.63 -1.29 -5.22
N PRO A 36 17.90 -0.98 -5.17
CA PRO A 36 18.57 -0.31 -6.31
C PRO A 36 18.59 -1.23 -7.54
N LEU A 37 18.16 -2.46 -7.39
CA LEU A 37 18.17 -3.38 -8.54
C LEU A 37 16.85 -3.28 -9.30
N THR A 38 15.75 -3.37 -8.58
CA THR A 38 14.39 -3.29 -9.22
C THR A 38 14.20 -4.43 -10.22
N LYS A 39 15.04 -4.49 -11.21
CA LYS A 39 14.92 -5.57 -12.23
C LYS A 39 14.70 -6.90 -11.54
N ARG A 40 15.21 -7.02 -10.34
CA ARG A 40 15.04 -8.30 -9.59
C ARG A 40 14.08 -8.10 -8.41
N SER A 41 14.11 -6.95 -7.79
CA SER A 41 13.21 -6.70 -6.64
C SER A 41 11.74 -6.76 -7.09
N ARG A 42 10.87 -6.11 -6.38
CA ARG A 42 9.43 -6.13 -6.78
C ARG A 42 8.85 -4.72 -6.71
N GLY A 43 9.21 -3.98 -5.69
CA GLY A 43 8.67 -2.60 -5.57
C GLY A 43 7.28 -2.65 -4.96
N PHE A 44 7.19 -2.60 -3.65
CA PHE A 44 5.85 -2.66 -3.00
C PHE A 44 5.84 -1.85 -1.71
N GLY A 45 4.74 -1.87 -1.01
CA GLY A 45 4.67 -1.11 0.27
C GLY A 45 3.85 -1.90 1.29
N PHE A 46 3.97 -1.56 2.54
CA PHE A 46 3.21 -2.29 3.59
C PHE A 46 2.45 -1.29 4.46
N VAL A 47 1.37 -1.70 5.07
CA VAL A 47 0.59 -0.74 5.91
C VAL A 47 -0.10 -1.49 7.06
N THR A 48 0.34 -1.27 8.27
CA THR A 48 -0.28 -1.96 9.43
C THR A 48 -1.44 -1.11 9.98
N PHE A 49 -2.32 -0.67 9.11
CA PHE A 49 -3.47 0.16 9.57
C PHE A 49 -4.62 -0.72 10.06
N MET A 50 -4.34 -1.62 10.96
CA MET A 50 -5.43 -2.53 11.47
C MET A 50 -6.71 -1.72 11.72
N ASP A 51 -7.77 -2.07 11.05
CA ASP A 51 -9.05 -1.34 11.25
C ASP A 51 -10.24 -2.27 11.00
N GLN A 52 -11.44 -1.74 11.03
CA GLN A 52 -12.63 -2.62 10.78
C GLN A 52 -13.04 -2.56 9.31
N ALA A 53 -13.58 -1.44 8.88
CA ALA A 53 -13.99 -1.33 7.44
C ALA A 53 -12.80 -0.95 6.58
N GLY A 54 -11.62 -0.96 7.15
CA GLY A 54 -10.41 -0.59 6.37
C GLY A 54 -10.29 -1.51 5.15
N VAL A 55 -9.98 -2.76 5.37
CA VAL A 55 -9.84 -3.70 4.22
C VAL A 55 -10.97 -3.47 3.21
N ASP A 56 -12.11 -3.01 3.67
CA ASP A 56 -13.23 -2.76 2.73
C ASP A 56 -12.88 -1.61 1.78
N LYS A 57 -13.02 -0.40 2.23
CA LYS A 57 -12.67 0.75 1.35
C LYS A 57 -11.31 0.50 0.72
N VAL A 58 -10.49 -0.30 1.35
CA VAL A 58 -9.16 -0.60 0.79
C VAL A 58 -9.30 -1.44 -0.48
N LEU A 59 -9.98 -2.56 -0.41
CA LEU A 59 -10.15 -3.37 -1.64
C LEU A 59 -10.61 -2.46 -2.77
N ALA A 60 -11.31 -1.40 -2.44
CA ALA A 60 -11.77 -0.47 -3.49
C ALA A 60 -10.56 -0.06 -4.33
N GLN A 61 -9.41 0.01 -3.71
CA GLN A 61 -8.17 0.37 -4.46
C GLN A 61 -7.39 -0.88 -4.80
N SER A 62 -8.06 -2.00 -4.86
CA SER A 62 -7.37 -3.25 -5.22
C SER A 62 -6.54 -3.02 -6.48
N ARG A 63 -6.85 -1.99 -7.22
CA ARG A 63 -6.09 -1.70 -8.45
C ARG A 63 -5.13 -0.53 -8.20
N HIS A 64 -5.24 0.10 -7.06
CA HIS A 64 -4.35 1.25 -6.72
C HIS A 64 -3.97 2.04 -7.96
N GLU A 65 -4.87 2.18 -8.89
CA GLU A 65 -4.51 2.96 -10.10
C GLU A 65 -4.78 4.44 -9.87
N LEU A 66 -3.77 5.24 -9.99
CA LEU A 66 -3.94 6.70 -9.77
C LEU A 66 -2.90 7.47 -10.58
N ASP A 67 -1.71 7.63 -10.07
CA ASP A 67 -0.67 8.35 -10.82
C ASP A 67 -0.06 7.44 -11.87
N SER A 68 -0.89 6.83 -12.69
CA SER A 68 -0.37 5.91 -13.74
C SER A 68 0.14 4.62 -13.11
N LYS A 69 0.02 4.50 -11.81
CA LYS A 69 0.50 3.28 -11.13
C LYS A 69 -0.69 2.46 -10.61
N THR A 70 -0.76 1.21 -10.99
CA THR A 70 -1.89 0.35 -10.51
C THR A 70 -1.40 -0.61 -9.43
N ILE A 71 -0.97 -0.10 -8.32
CA ILE A 71 -0.47 -0.99 -7.22
C ILE A 71 -1.55 -2.05 -6.93
N ASP A 72 -1.35 -2.90 -5.96
CA ASP A 72 -2.35 -3.97 -5.67
C ASP A 72 -2.45 -4.22 -4.17
N PRO A 73 -3.29 -3.47 -3.53
CA PRO A 73 -3.49 -3.64 -2.07
C PRO A 73 -3.94 -5.06 -1.73
N LYS A 74 -3.11 -5.79 -1.07
CA LYS A 74 -3.48 -7.17 -0.66
C LYS A 74 -3.17 -7.37 0.82
N VAL A 75 -4.17 -7.61 1.61
CA VAL A 75 -3.96 -7.81 3.06
C VAL A 75 -3.89 -9.30 3.39
N ALA A 76 -3.59 -9.63 4.61
CA ALA A 76 -3.53 -11.08 4.99
C ALA A 76 -4.86 -11.53 5.59
N PHE A 77 -5.60 -12.33 4.86
CA PHE A 77 -6.91 -12.80 5.39
C PHE A 77 -7.23 -14.20 4.86
N CYS A 1 -0.68 -9.13 12.79
CA CYS A 1 -0.80 -9.29 11.32
C CYS A 1 -0.91 -7.91 10.65
N LYS A 2 -1.08 -7.89 9.35
CA LYS A 2 -1.18 -6.59 8.64
C LYS A 2 -1.40 -6.81 7.15
N MET A 3 -1.33 -5.77 6.37
CA MET A 3 -1.53 -5.92 4.90
C MET A 3 -0.31 -5.37 4.14
N PHE A 4 -0.29 -5.51 2.85
CA PHE A 4 0.87 -5.00 2.07
C PHE A 4 0.39 -4.51 0.69
N ILE A 5 1.15 -3.66 0.07
CA ILE A 5 0.75 -3.13 -1.27
C ILE A 5 1.76 -3.59 -2.32
N GLY A 6 1.31 -4.06 -3.46
CA GLY A 6 2.26 -4.58 -4.48
C GLY A 6 2.29 -3.71 -5.74
N GLY A 7 3.45 -3.53 -6.31
CA GLY A 7 3.57 -2.71 -7.56
C GLY A 7 3.08 -1.29 -7.29
N LEU A 8 3.44 -0.76 -6.15
CA LEU A 8 2.98 0.61 -5.81
C LEU A 8 3.78 1.67 -6.56
N SER A 9 3.19 2.81 -6.77
CA SER A 9 3.88 3.91 -7.51
C SER A 9 5.36 3.97 -7.11
N TRP A 10 6.24 4.01 -8.06
CA TRP A 10 7.69 4.08 -7.73
C TRP A 10 8.05 5.42 -7.11
N GLN A 11 7.32 6.46 -7.43
CA GLN A 11 7.63 7.79 -6.84
C GLN A 11 6.89 7.99 -5.52
N THR A 12 5.93 7.17 -5.27
CA THR A 12 5.15 7.29 -4.00
C THR A 12 6.08 7.33 -2.80
N THR A 13 5.54 7.22 -1.62
CA THR A 13 6.40 7.23 -0.40
C THR A 13 5.66 6.55 0.75
N GLN A 14 6.15 6.71 1.95
CA GLN A 14 5.49 6.06 3.11
C GLN A 14 4.27 6.89 3.54
N GLU A 15 4.48 8.02 4.16
CA GLU A 15 3.33 8.84 4.57
C GLU A 15 2.38 8.95 3.38
N GLY A 16 2.90 9.20 2.22
CA GLY A 16 2.03 9.29 1.02
C GLY A 16 1.12 8.07 1.03
N LEU A 17 1.62 6.96 1.48
CA LEU A 17 0.78 5.76 1.56
C LEU A 17 -0.16 5.92 2.75
N ARG A 18 0.35 6.45 3.83
CA ARG A 18 -0.49 6.67 5.02
C ARG A 18 -1.63 7.60 4.64
N GLU A 19 -1.39 8.37 3.64
CA GLU A 19 -2.43 9.30 3.14
C GLU A 19 -3.33 8.54 2.18
N TYR A 20 -2.82 7.48 1.63
CA TYR A 20 -3.64 6.69 0.67
C TYR A 20 -4.54 5.70 1.40
N PHE A 21 -3.98 4.96 2.33
CA PHE A 21 -4.80 3.98 3.09
C PHE A 21 -5.26 4.61 4.40
N GLY A 22 -4.45 5.46 4.96
CA GLY A 22 -4.85 6.13 6.22
C GLY A 22 -6.05 7.04 5.93
N GLN A 23 -6.28 7.34 4.68
CA GLN A 23 -7.43 8.21 4.32
C GLN A 23 -8.73 7.54 4.81
N PHE A 24 -8.86 6.27 4.57
CA PHE A 24 -10.08 5.55 5.02
C PHE A 24 -9.69 4.47 6.03
N GLY A 25 -8.42 4.17 6.12
CA GLY A 25 -7.97 3.13 7.08
C GLY A 25 -6.75 3.65 7.86
N GLU A 26 -6.99 4.33 8.94
CA GLU A 26 -5.85 4.87 9.75
C GLU A 26 -4.73 3.83 9.85
N VAL A 27 -3.66 4.03 9.12
CA VAL A 27 -2.54 3.05 9.18
C VAL A 27 -1.55 3.44 10.27
N LYS A 28 -1.00 2.47 10.94
CA LYS A 28 -0.01 2.78 12.02
C LYS A 28 1.37 2.24 11.63
N GLU A 29 1.40 1.25 10.78
CA GLU A 29 2.71 0.68 10.34
C GLU A 29 2.77 0.59 8.82
N CYS A 30 3.79 1.14 8.22
CA CYS A 30 3.90 1.09 6.73
C CYS A 30 5.37 1.09 6.31
N LEU A 31 5.69 0.51 5.19
CA LEU A 31 7.12 0.50 4.74
C LEU A 31 7.20 0.50 3.21
N VAL A 32 8.05 1.30 2.63
CA VAL A 32 8.15 1.33 1.14
C VAL A 32 9.55 0.90 0.70
N MET A 33 9.62 0.05 -0.28
CA MET A 33 10.95 -0.41 -0.77
C MET A 33 11.00 -0.25 -2.31
N ARG A 34 12.18 -0.06 -2.84
CA ARG A 34 12.32 0.09 -4.30
C ARG A 34 13.66 -0.48 -4.77
N ASP A 35 14.74 0.05 -4.29
CA ASP A 35 16.08 -0.47 -4.71
C ASP A 35 16.95 -0.74 -3.47
N PRO A 36 16.80 -1.92 -2.91
CA PRO A 36 17.57 -2.30 -1.71
C PRO A 36 19.08 -2.33 -2.01
N LEU A 37 19.54 -3.34 -2.68
CA LEU A 37 20.99 -3.44 -2.99
C LEU A 37 21.22 -3.56 -4.50
N THR A 38 20.28 -4.13 -5.21
CA THR A 38 20.45 -4.28 -6.68
C THR A 38 19.20 -3.78 -7.42
N LYS A 39 18.59 -4.62 -8.24
CA LYS A 39 17.38 -4.18 -8.97
C LYS A 39 16.34 -5.29 -8.96
N ARG A 40 16.59 -6.35 -8.23
CA ARG A 40 15.60 -7.46 -8.16
C ARG A 40 14.25 -6.95 -7.66
N SER A 41 14.26 -6.06 -6.71
CA SER A 41 12.99 -5.51 -6.17
C SER A 41 12.07 -5.09 -7.32
N ARG A 42 10.84 -4.77 -7.04
CA ARG A 42 9.91 -4.35 -8.12
C ARG A 42 9.21 -3.03 -7.78
N GLY A 43 9.19 -2.66 -6.52
CA GLY A 43 8.52 -1.39 -6.13
C GLY A 43 7.21 -1.68 -5.42
N PHE A 44 7.22 -1.68 -4.11
CA PHE A 44 5.95 -1.97 -3.36
C PHE A 44 6.03 -1.35 -1.95
N GLY A 45 5.17 -1.78 -1.07
CA GLY A 45 5.20 -1.22 0.31
C GLY A 45 4.36 -2.08 1.26
N PHE A 46 4.30 -1.69 2.50
CA PHE A 46 3.51 -2.46 3.51
C PHE A 46 2.59 -1.50 4.26
N VAL A 47 1.49 -1.98 4.76
CA VAL A 47 0.57 -1.07 5.49
C VAL A 47 -0.18 -1.84 6.57
N THR A 48 -0.46 -1.22 7.68
CA THR A 48 -1.18 -1.93 8.78
C THR A 48 -2.00 -0.95 9.61
N PHE A 49 -3.28 -0.86 9.36
CA PHE A 49 -4.12 0.07 10.16
C PHE A 49 -4.88 -0.71 11.23
N MET A 50 -5.86 -0.11 11.84
CA MET A 50 -6.62 -0.85 12.89
C MET A 50 -8.06 -0.34 12.97
N ASP A 51 -8.88 -0.68 12.02
CA ASP A 51 -10.29 -0.21 12.03
C ASP A 51 -11.20 -1.25 11.37
N GLN A 52 -12.49 -1.08 11.45
CA GLN A 52 -13.42 -2.05 10.81
C GLN A 52 -13.62 -1.72 9.34
N ALA A 53 -13.70 -0.45 9.02
CA ALA A 53 -13.89 -0.06 7.58
C ALA A 53 -12.54 -0.02 6.87
N GLY A 54 -11.49 -0.40 7.54
CA GLY A 54 -10.14 -0.39 6.90
C GLY A 54 -10.16 -1.29 5.67
N VAL A 55 -9.99 -2.57 5.87
CA VAL A 55 -9.98 -3.51 4.71
C VAL A 55 -11.09 -3.14 3.72
N ASP A 56 -12.29 -2.92 4.18
CA ASP A 56 -13.39 -2.55 3.26
C ASP A 56 -12.90 -1.55 2.21
N LYS A 57 -12.60 -0.35 2.63
CA LYS A 57 -12.12 0.68 1.67
C LYS A 57 -10.84 0.20 0.97
N VAL A 58 -9.98 -0.49 1.66
CA VAL A 58 -8.74 -0.97 1.03
C VAL A 58 -9.07 -1.82 -0.20
N LEU A 59 -9.80 -2.89 -0.02
CA LEU A 59 -10.18 -3.73 -1.19
C LEU A 59 -10.65 -2.81 -2.30
N ALA A 60 -11.41 -1.82 -1.94
CA ALA A 60 -11.91 -0.85 -2.96
C ALA A 60 -10.78 -0.51 -3.95
N GLN A 61 -9.57 -0.41 -3.44
CA GLN A 61 -8.41 -0.10 -4.33
C GLN A 61 -7.62 -1.36 -4.62
N SER A 62 -8.28 -2.49 -4.58
CA SER A 62 -7.59 -3.76 -4.87
C SER A 62 -6.72 -3.58 -6.11
N ARG A 63 -7.03 -2.59 -6.92
CA ARG A 63 -6.22 -2.36 -8.14
C ARG A 63 -5.34 -1.12 -7.95
N HIS A 64 -5.68 -0.26 -7.03
CA HIS A 64 -4.87 0.96 -6.80
C HIS A 64 -4.66 1.73 -8.10
N GLU A 65 -4.22 2.95 -7.98
CA GLU A 65 -3.96 3.80 -9.17
C GLU A 65 -3.57 5.20 -8.74
N LEU A 66 -2.40 5.63 -9.10
CA LEU A 66 -1.97 7.00 -8.75
C LEU A 66 -1.19 7.59 -9.92
N ASP A 67 0.08 7.35 -10.00
CA ASP A 67 0.88 7.88 -11.13
C ASP A 67 0.75 6.92 -12.30
N SER A 68 -0.46 6.60 -12.69
CA SER A 68 -0.67 5.64 -13.81
C SER A 68 -0.28 4.24 -13.36
N LYS A 69 -0.04 4.07 -12.08
CA LYS A 69 0.35 2.75 -11.55
C LYS A 69 -0.81 2.13 -10.77
N THR A 70 -1.25 0.97 -11.16
CA THR A 70 -2.38 0.32 -10.43
C THR A 70 -1.82 -0.70 -9.43
N ILE A 71 -1.34 -0.21 -8.32
CA ILE A 71 -0.77 -1.12 -7.28
C ILE A 71 -1.72 -2.30 -7.02
N ASP A 72 -1.38 -3.15 -6.08
CA ASP A 72 -2.24 -4.32 -5.80
C ASP A 72 -2.33 -4.56 -4.28
N PRO A 73 -3.13 -3.77 -3.62
CA PRO A 73 -3.30 -3.93 -2.15
C PRO A 73 -3.66 -5.36 -1.80
N LYS A 74 -2.79 -6.06 -1.14
CA LYS A 74 -3.11 -7.46 -0.73
C LYS A 74 -3.12 -7.55 0.79
N VAL A 75 -4.28 -7.53 1.37
CA VAL A 75 -4.39 -7.61 2.84
C VAL A 75 -4.70 -9.06 3.27
N ALA A 76 -4.39 -9.40 4.48
CA ALA A 76 -4.66 -10.80 4.95
C ALA A 76 -5.37 -10.79 6.29
N PHE A 77 -6.65 -11.10 6.31
CA PHE A 77 -7.40 -11.11 7.59
C PHE A 77 -7.15 -12.42 8.37
N CYS A 1 -2.38 -9.48 10.92
CA CYS A 1 -1.10 -9.16 10.21
C CYS A 1 -1.23 -7.81 9.49
N LYS A 2 -0.13 -7.15 9.26
CA LYS A 2 -0.18 -5.83 8.57
C LYS A 2 -0.56 -6.02 7.09
N MET A 3 -1.02 -4.98 6.45
CA MET A 3 -1.41 -5.10 5.02
C MET A 3 -0.19 -4.89 4.11
N PHE A 4 -0.34 -5.11 2.83
CA PHE A 4 0.80 -4.92 1.90
C PHE A 4 0.27 -4.47 0.54
N ILE A 5 0.94 -3.54 -0.08
CA ILE A 5 0.47 -3.07 -1.41
C ILE A 5 1.46 -3.55 -2.49
N GLY A 6 0.96 -4.12 -3.55
CA GLY A 6 1.88 -4.69 -4.59
C GLY A 6 2.12 -3.73 -5.76
N GLY A 7 3.36 -3.37 -5.96
CA GLY A 7 3.74 -2.48 -7.10
C GLY A 7 3.39 -1.03 -6.80
N LEU A 8 3.38 -0.67 -5.55
CA LEU A 8 3.04 0.73 -5.20
C LEU A 8 3.84 1.71 -6.05
N SER A 9 3.23 2.80 -6.43
CA SER A 9 3.93 3.80 -7.28
C SER A 9 5.38 3.97 -6.81
N TRP A 10 6.31 3.73 -7.69
CA TRP A 10 7.75 3.87 -7.30
C TRP A 10 8.04 5.29 -6.83
N GLN A 11 7.31 6.26 -7.33
CA GLN A 11 7.55 7.65 -6.90
C GLN A 11 6.84 7.95 -5.59
N THR A 12 5.96 7.10 -5.19
CA THR A 12 5.22 7.32 -3.92
C THR A 12 6.18 7.30 -2.74
N THR A 13 5.66 7.28 -1.55
CA THR A 13 6.53 7.26 -0.34
C THR A 13 5.79 6.61 0.83
N GLN A 14 6.34 6.69 2.00
CA GLN A 14 5.68 6.07 3.18
C GLN A 14 4.47 6.90 3.60
N GLU A 15 4.68 8.03 4.20
CA GLU A 15 3.52 8.85 4.62
C GLU A 15 2.53 8.96 3.47
N GLY A 16 3.01 9.18 2.28
CA GLY A 16 2.08 9.28 1.13
C GLY A 16 1.25 8.00 1.11
N LEU A 17 1.82 6.92 1.56
CA LEU A 17 1.06 5.65 1.59
C LEU A 17 0.20 5.67 2.85
N ARG A 18 0.74 6.20 3.92
CA ARG A 18 -0.05 6.28 5.18
C ARG A 18 -1.24 7.17 4.94
N GLU A 19 -1.10 8.03 4.00
CA GLU A 19 -2.19 8.96 3.65
C GLU A 19 -3.06 8.30 2.57
N TYR A 20 -2.53 7.32 1.89
CA TYR A 20 -3.32 6.63 0.84
C TYR A 20 -4.26 5.60 1.46
N PHE A 21 -3.90 5.08 2.61
CA PHE A 21 -4.76 4.07 3.27
C PHE A 21 -5.21 4.61 4.63
N GLY A 22 -4.53 5.61 5.13
CA GLY A 22 -4.91 6.19 6.45
C GLY A 22 -6.16 7.05 6.26
N GLN A 23 -6.42 7.48 5.06
CA GLN A 23 -7.62 8.31 4.80
C GLN A 23 -8.87 7.50 5.12
N PHE A 24 -8.83 6.21 4.91
CA PHE A 24 -10.01 5.36 5.22
C PHE A 24 -9.57 4.16 6.05
N GLY A 25 -8.30 4.07 6.37
CA GLY A 25 -7.81 2.92 7.18
C GLY A 25 -6.72 3.39 8.14
N GLU A 26 -7.07 3.69 9.35
CA GLU A 26 -6.07 4.16 10.36
C GLU A 26 -4.76 3.36 10.23
N VAL A 27 -3.72 3.99 9.76
CA VAL A 27 -2.42 3.28 9.60
C VAL A 27 -1.56 3.43 10.86
N LYS A 28 -1.07 2.34 11.38
CA LYS A 28 -0.21 2.41 12.60
C LYS A 28 1.26 2.48 12.19
N GLU A 29 1.60 1.84 11.12
CA GLU A 29 3.01 1.86 10.65
C GLU A 29 3.10 1.22 9.26
N CYS A 30 4.06 1.58 8.47
CA CYS A 30 4.17 0.98 7.11
C CYS A 30 5.63 0.92 6.64
N LEU A 31 5.92 0.04 5.72
CA LEU A 31 7.30 -0.05 5.18
C LEU A 31 7.24 -0.05 3.65
N VAL A 32 7.93 0.85 3.02
CA VAL A 32 7.86 0.88 1.53
C VAL A 32 9.19 0.50 0.89
N MET A 33 9.14 -0.20 -0.20
CA MET A 33 10.37 -0.58 -0.91
C MET A 33 10.15 -0.36 -2.41
N ARG A 34 11.14 0.18 -3.07
CA ARG A 34 11.02 0.44 -4.53
C ARG A 34 12.38 0.27 -5.21
N ASP A 35 13.45 0.62 -4.54
CA ASP A 35 14.79 0.46 -5.18
C ASP A 35 15.93 0.52 -4.14
N PRO A 36 15.84 -0.27 -3.09
CA PRO A 36 16.92 -0.28 -2.07
C PRO A 36 18.15 -0.97 -2.65
N LEU A 37 18.07 -2.24 -2.87
CA LEU A 37 19.21 -3.00 -3.43
C LEU A 37 18.68 -4.02 -4.45
N THR A 38 17.89 -4.95 -3.98
CA THR A 38 17.32 -5.99 -4.88
C THR A 38 15.86 -6.29 -4.53
N LYS A 39 15.48 -6.11 -3.29
CA LYS A 39 14.08 -6.38 -2.89
C LYS A 39 13.12 -5.58 -3.77
N ARG A 40 13.51 -4.38 -4.10
CA ARG A 40 12.64 -3.50 -4.96
C ARG A 40 11.96 -4.33 -6.06
N SER A 41 12.53 -5.43 -6.43
CA SER A 41 11.93 -6.27 -7.50
C SER A 41 10.40 -6.30 -7.38
N ARG A 42 9.87 -6.11 -6.21
CA ARG A 42 8.39 -6.13 -6.05
C ARG A 42 7.83 -4.71 -6.00
N GLY A 43 8.56 -3.77 -5.45
CA GLY A 43 8.02 -2.38 -5.38
C GLY A 43 6.68 -2.43 -4.65
N PHE A 44 6.72 -2.55 -3.35
CA PHE A 44 5.44 -2.64 -2.60
C PHE A 44 5.46 -1.73 -1.36
N GLY A 45 4.50 -1.90 -0.49
CA GLY A 45 4.45 -1.06 0.73
C GLY A 45 3.61 -1.76 1.80
N PHE A 46 4.22 -2.09 2.91
CA PHE A 46 3.49 -2.76 4.01
C PHE A 46 2.78 -1.70 4.84
N VAL A 47 1.60 -1.96 5.29
CA VAL A 47 0.87 -0.93 6.08
C VAL A 47 -0.02 -1.61 7.14
N THR A 48 0.44 -1.68 8.36
CA THR A 48 -0.37 -2.32 9.43
C THR A 48 -1.43 -1.37 9.95
N PHE A 49 -2.37 -0.99 9.13
CA PHE A 49 -3.44 -0.05 9.60
C PHE A 49 -4.57 -0.83 10.28
N MET A 50 -5.78 -0.32 10.23
CA MET A 50 -6.92 -1.03 10.88
C MET A 50 -7.32 -2.26 10.07
N ASP A 51 -8.21 -3.05 10.59
CA ASP A 51 -8.65 -4.27 9.85
C ASP A 51 -10.18 -4.33 9.78
N GLN A 52 -10.85 -3.35 10.30
CA GLN A 52 -12.34 -3.35 10.27
C GLN A 52 -12.83 -2.86 8.90
N ALA A 53 -13.52 -1.76 8.85
CA ALA A 53 -14.03 -1.25 7.54
C ALA A 53 -12.85 -0.80 6.67
N GLY A 54 -11.75 -0.44 7.27
CA GLY A 54 -10.57 0.00 6.47
C GLY A 54 -10.35 -0.97 5.32
N VAL A 55 -10.09 -2.21 5.61
CA VAL A 55 -9.86 -3.21 4.53
C VAL A 55 -10.89 -3.02 3.42
N ASP A 56 -12.14 -2.92 3.76
CA ASP A 56 -13.19 -2.74 2.71
C ASP A 56 -12.77 -1.63 1.74
N LYS A 57 -12.52 -0.46 2.25
CA LYS A 57 -12.11 0.66 1.36
C LYS A 57 -10.82 0.31 0.61
N VAL A 58 -9.98 -0.49 1.21
CA VAL A 58 -8.72 -0.88 0.53
C VAL A 58 -9.05 -1.66 -0.74
N LEU A 59 -9.75 -2.75 -0.60
CA LEU A 59 -10.12 -3.55 -1.80
C LEU A 59 -10.64 -2.59 -2.88
N ALA A 60 -11.47 -1.67 -2.51
CA ALA A 60 -11.98 -0.69 -3.51
C ALA A 60 -10.82 -0.19 -4.37
N GLN A 61 -9.64 -0.16 -3.81
CA GLN A 61 -8.46 0.30 -4.59
C GLN A 61 -7.61 -0.89 -5.02
N SER A 62 -8.22 -2.03 -5.13
CA SER A 62 -7.46 -3.22 -5.59
C SER A 62 -6.78 -2.88 -6.91
N ARG A 63 -7.21 -1.82 -7.56
CA ARG A 63 -6.59 -1.43 -8.83
C ARG A 63 -5.53 -0.35 -8.57
N HIS A 64 -5.59 0.28 -7.42
CA HIS A 64 -4.60 1.33 -7.07
C HIS A 64 -4.11 2.09 -8.31
N GLU A 65 -4.97 2.40 -9.23
CA GLU A 65 -4.49 3.14 -10.43
C GLU A 65 -4.48 4.63 -10.16
N LEU A 66 -3.35 5.24 -10.31
CA LEU A 66 -3.24 6.70 -10.07
C LEU A 66 -2.24 7.31 -11.05
N ASP A 67 -0.98 7.28 -10.73
CA ASP A 67 0.03 7.83 -11.65
C ASP A 67 0.37 6.78 -12.70
N SER A 68 -0.64 6.27 -13.36
CA SER A 68 -0.39 5.21 -14.38
C SER A 68 0.02 3.90 -13.70
N LYS A 69 -0.02 3.87 -12.40
CA LYS A 69 0.38 2.65 -11.66
C LYS A 69 -0.86 1.98 -11.07
N THR A 70 -1.13 0.76 -11.45
CA THR A 70 -2.32 0.05 -10.89
C THR A 70 -1.86 -0.93 -9.80
N ILE A 71 -1.40 -0.41 -8.69
CA ILE A 71 -0.93 -1.31 -7.59
C ILE A 71 -2.02 -2.34 -7.27
N ASP A 72 -1.80 -3.15 -6.27
CA ASP A 72 -2.79 -4.19 -5.90
C ASP A 72 -2.84 -4.34 -4.38
N PRO A 73 -3.59 -3.49 -3.73
CA PRO A 73 -3.70 -3.56 -2.26
C PRO A 73 -4.10 -4.96 -1.80
N LYS A 74 -3.21 -5.64 -1.13
CA LYS A 74 -3.54 -7.01 -0.63
C LYS A 74 -3.17 -7.11 0.84
N VAL A 75 -4.14 -7.22 1.69
CA VAL A 75 -3.88 -7.31 3.16
C VAL A 75 -3.85 -8.78 3.60
N ALA A 76 -3.74 -9.03 4.87
CA ALA A 76 -3.70 -10.45 5.34
C ALA A 76 -5.12 -11.01 5.46
N PHE A 77 -6.10 -10.30 4.96
CA PHE A 77 -7.50 -10.80 5.04
C PHE A 77 -7.62 -12.19 4.39
N CYS A 1 0.76 -10.11 10.16
CA CYS A 1 1.06 -9.97 8.70
C CYS A 1 0.84 -8.54 8.24
N LYS A 2 -0.11 -7.86 8.83
CA LYS A 2 -0.36 -6.45 8.42
C LYS A 2 -0.70 -6.39 6.92
N MET A 3 -1.43 -5.39 6.50
CA MET A 3 -1.78 -5.30 5.05
C MET A 3 -0.52 -4.99 4.23
N PHE A 4 -0.54 -5.30 2.97
CA PHE A 4 0.66 -5.03 2.13
C PHE A 4 0.22 -4.54 0.74
N ILE A 5 0.97 -3.64 0.17
CA ILE A 5 0.61 -3.12 -1.18
C ILE A 5 1.61 -3.66 -2.21
N GLY A 6 1.13 -4.07 -3.37
CA GLY A 6 2.07 -4.64 -4.39
C GLY A 6 2.08 -3.80 -5.66
N GLY A 7 3.23 -3.69 -6.29
CA GLY A 7 3.33 -2.91 -7.56
C GLY A 7 2.90 -1.47 -7.29
N LEU A 8 3.31 -0.93 -6.19
CA LEU A 8 2.91 0.47 -5.86
C LEU A 8 3.77 1.48 -6.63
N SER A 9 3.25 2.66 -6.82
CA SER A 9 4.01 3.70 -7.57
C SER A 9 5.50 3.66 -7.22
N TRP A 10 6.34 3.88 -8.19
CA TRP A 10 7.81 3.84 -7.91
C TRP A 10 8.28 5.21 -7.42
N GLN A 11 7.38 6.15 -7.26
CA GLN A 11 7.79 7.50 -6.78
C GLN A 11 7.03 7.85 -5.49
N THR A 12 6.02 7.10 -5.19
CA THR A 12 5.23 7.38 -3.96
C THR A 12 6.15 7.44 -2.74
N THR A 13 5.59 7.44 -1.57
CA THR A 13 6.44 7.48 -0.34
C THR A 13 5.68 6.85 0.83
N GLN A 14 6.26 6.88 2.01
CA GLN A 14 5.58 6.26 3.17
C GLN A 14 4.35 7.06 3.57
N GLU A 15 4.52 8.19 4.20
CA GLU A 15 3.33 8.97 4.60
C GLU A 15 2.36 9.08 3.44
N GLY A 16 2.85 9.28 2.26
CA GLY A 16 1.92 9.35 1.10
C GLY A 16 1.12 8.06 1.08
N LEU A 17 1.71 6.98 1.49
CA LEU A 17 0.96 5.72 1.53
C LEU A 17 0.10 5.74 2.80
N ARG A 18 0.63 6.26 3.88
CA ARG A 18 -0.14 6.34 5.14
C ARG A 18 -1.35 7.22 4.90
N GLU A 19 -1.22 8.08 3.96
CA GLU A 19 -2.32 9.00 3.61
C GLU A 19 -3.21 8.31 2.58
N TYR A 20 -2.70 7.30 1.92
CA TYR A 20 -3.53 6.61 0.90
C TYR A 20 -4.43 5.56 1.56
N PHE A 21 -4.03 5.03 2.68
CA PHE A 21 -4.86 4.01 3.38
C PHE A 21 -5.29 4.56 4.74
N GLY A 22 -4.56 5.50 5.25
CA GLY A 22 -4.92 6.09 6.58
C GLY A 22 -6.17 6.97 6.43
N GLN A 23 -6.53 7.27 5.21
CA GLN A 23 -7.74 8.11 4.99
C GLN A 23 -8.98 7.34 5.44
N PHE A 24 -9.01 6.06 5.21
CA PHE A 24 -10.19 5.25 5.62
C PHE A 24 -9.74 4.09 6.51
N GLY A 25 -8.48 4.06 6.88
CA GLY A 25 -7.98 2.95 7.73
C GLY A 25 -6.79 3.43 8.56
N GLU A 26 -7.02 3.80 9.79
CA GLU A 26 -5.90 4.27 10.66
C GLU A 26 -4.65 3.43 10.41
N VAL A 27 -3.55 4.05 10.07
CA VAL A 27 -2.30 3.28 9.82
C VAL A 27 -1.40 3.30 11.04
N LYS A 28 -1.00 2.15 11.51
CA LYS A 28 -0.10 2.11 12.70
C LYS A 28 1.36 2.16 12.24
N GLU A 29 1.63 1.71 11.05
CA GLU A 29 3.03 1.73 10.53
C GLU A 29 3.07 1.13 9.13
N CYS A 30 3.95 1.62 8.30
CA CYS A 30 4.04 1.06 6.91
C CYS A 30 5.50 0.96 6.46
N LEU A 31 5.74 0.43 5.29
CA LEU A 31 7.15 0.32 4.80
C LEU A 31 7.18 0.45 3.27
N VAL A 32 7.95 1.36 2.76
CA VAL A 32 8.01 1.54 1.29
C VAL A 32 9.42 1.23 0.75
N MET A 33 9.49 0.43 -0.27
CA MET A 33 10.81 0.08 -0.85
C MET A 33 10.72 0.09 -2.38
N ARG A 34 11.80 0.40 -3.04
CA ARG A 34 11.79 0.42 -4.53
C ARG A 34 13.18 0.07 -5.07
N ASP A 35 14.17 0.84 -4.73
CA ASP A 35 15.55 0.56 -5.23
C ASP A 35 16.59 0.91 -4.16
N PRO A 36 16.67 0.07 -3.15
CA PRO A 36 17.64 0.30 -2.05
C PRO A 36 19.08 0.26 -2.58
N LEU A 37 19.50 -0.88 -3.07
CA LEU A 37 20.89 -0.98 -3.60
C LEU A 37 20.90 -0.67 -5.09
N THR A 38 20.30 -1.50 -5.90
CA THR A 38 20.28 -1.26 -7.37
C THR A 38 18.92 -1.66 -7.95
N LYS A 39 18.44 -2.82 -7.57
CA LYS A 39 17.13 -3.29 -8.08
C LYS A 39 16.80 -4.66 -7.49
N ARG A 40 17.20 -4.89 -6.28
CA ARG A 40 16.92 -6.22 -5.64
C ARG A 40 15.44 -6.29 -5.21
N SER A 41 14.91 -5.21 -4.71
CA SER A 41 13.48 -5.23 -4.27
C SER A 41 12.56 -5.36 -5.49
N ARG A 42 11.40 -4.74 -5.42
CA ARG A 42 10.46 -4.81 -6.57
C ARG A 42 9.65 -3.52 -6.69
N GLY A 43 9.25 -2.97 -5.57
CA GLY A 43 8.47 -1.70 -5.61
C GLY A 43 7.10 -1.92 -4.95
N PHE A 44 7.04 -1.86 -3.64
CA PHE A 44 5.74 -2.06 -2.95
C PHE A 44 5.65 -1.19 -1.70
N GLY A 45 4.63 -1.38 -0.91
CA GLY A 45 4.47 -0.57 0.32
C GLY A 45 3.66 -1.34 1.36
N PHE A 46 4.27 -1.70 2.45
CA PHE A 46 3.53 -2.47 3.50
C PHE A 46 2.76 -1.51 4.39
N VAL A 47 1.65 -1.93 4.91
CA VAL A 47 0.84 -1.04 5.77
C VAL A 47 0.10 -1.86 6.84
N THR A 48 0.41 -1.64 8.08
CA THR A 48 -0.26 -2.41 9.16
C THR A 48 -1.47 -1.63 9.71
N PHE A 49 -2.17 -0.91 8.86
CA PHE A 49 -3.35 -0.15 9.35
C PHE A 49 -4.46 -1.13 9.74
N MET A 50 -5.09 -0.92 10.87
CA MET A 50 -6.18 -1.83 11.29
C MET A 50 -7.29 -1.07 12.00
N ASP A 51 -8.49 -1.16 11.50
CA ASP A 51 -9.63 -0.44 12.14
C ASP A 51 -10.89 -1.30 12.08
N GLN A 52 -11.65 -1.18 11.02
CA GLN A 52 -12.89 -1.99 10.89
C GLN A 52 -13.32 -2.04 9.42
N ALA A 53 -14.04 -1.04 8.97
CA ALA A 53 -14.46 -1.02 7.54
C ALA A 53 -13.32 -0.51 6.66
N GLY A 54 -12.20 -0.19 7.25
CA GLY A 54 -11.05 0.31 6.46
C GLY A 54 -10.60 -0.77 5.48
N VAL A 55 -10.48 -1.99 5.95
CA VAL A 55 -10.05 -3.08 5.04
C VAL A 55 -10.91 -3.06 3.77
N ASP A 56 -12.20 -2.94 3.93
CA ASP A 56 -13.09 -2.91 2.74
C ASP A 56 -12.71 -1.72 1.85
N LYS A 57 -12.40 -0.61 2.44
CA LYS A 57 -12.01 0.57 1.64
C LYS A 57 -10.73 0.25 0.85
N VAL A 58 -9.87 -0.55 1.41
CA VAL A 58 -8.62 -0.91 0.71
C VAL A 58 -8.98 -1.68 -0.57
N LEU A 59 -9.68 -2.78 -0.44
CA LEU A 59 -10.08 -3.53 -1.66
C LEU A 59 -10.59 -2.56 -2.71
N ALA A 60 -11.37 -1.60 -2.30
CA ALA A 60 -11.88 -0.61 -3.28
C ALA A 60 -10.74 -0.15 -4.17
N GLN A 61 -9.54 -0.18 -3.64
CA GLN A 61 -8.35 0.24 -4.43
C GLN A 61 -7.58 -1.00 -4.90
N SER A 62 -8.26 -2.09 -5.05
CA SER A 62 -7.59 -3.31 -5.54
C SER A 62 -6.91 -2.99 -6.88
N ARG A 63 -7.30 -1.90 -7.49
CA ARG A 63 -6.68 -1.51 -8.77
C ARG A 63 -5.81 -0.27 -8.56
N HIS A 64 -5.74 0.18 -7.33
CA HIS A 64 -4.92 1.39 -6.98
C HIS A 64 -4.78 2.36 -8.15
N GLU A 65 -3.80 2.15 -8.97
CA GLU A 65 -3.58 3.06 -10.13
C GLU A 65 -3.56 4.50 -9.68
N LEU A 66 -2.41 5.11 -9.77
CA LEU A 66 -2.28 6.53 -9.36
C LEU A 66 -1.56 7.28 -10.47
N ASP A 67 -0.31 6.98 -10.62
CA ASP A 67 0.48 7.62 -11.70
C ASP A 67 0.66 6.59 -12.81
N SER A 68 -0.43 6.06 -13.30
CA SER A 68 -0.36 5.01 -14.36
C SER A 68 0.11 3.70 -13.73
N LYS A 69 0.11 3.62 -12.42
CA LYS A 69 0.56 2.39 -11.75
C LYS A 69 -0.56 1.76 -10.95
N THR A 70 -1.07 0.66 -11.45
CA THR A 70 -2.18 -0.06 -10.76
C THR A 70 -1.63 -0.92 -9.62
N ILE A 71 -1.29 -0.34 -8.51
CA ILE A 71 -0.75 -1.16 -7.39
C ILE A 71 -1.69 -2.33 -7.12
N ASP A 72 -1.38 -3.13 -6.16
CA ASP A 72 -2.25 -4.30 -5.86
C ASP A 72 -2.39 -4.49 -4.34
N PRO A 73 -3.17 -3.64 -3.73
CA PRO A 73 -3.39 -3.73 -2.28
C PRO A 73 -3.84 -5.14 -1.88
N LYS A 74 -3.00 -5.86 -1.19
CA LYS A 74 -3.41 -7.23 -0.76
C LYS A 74 -3.33 -7.31 0.76
N VAL A 75 -4.46 -7.27 1.41
CA VAL A 75 -4.48 -7.32 2.90
C VAL A 75 -4.74 -8.75 3.39
N ALA A 76 -4.73 -8.94 4.67
CA ALA A 76 -4.98 -10.30 5.24
C ALA A 76 -5.16 -10.21 6.76
N PHE A 77 -6.27 -10.67 7.27
CA PHE A 77 -6.50 -10.60 8.74
C PHE A 77 -6.63 -12.01 9.33
#